data_6X5E
#
_entry.id   6X5E
#
_cell.length_a   38.423
_cell.length_b   68.480
_cell.length_c   91.750
_cell.angle_alpha   110.495
_cell.angle_beta   99.289
_cell.angle_gamma   90.006
#
_symmetry.space_group_name_H-M   'P 1'
#
loop_
_entity.id
_entity.type
_entity.pdbx_description
1 polymer 'ch88.2 Fab light chain'
2 polymer 'ch88.2 Fab heavy chain'
3 non-polymer 'NICKEL (II) ION'
4 water water
#
loop_
_entity_poly.entity_id
_entity_poly.type
_entity_poly.pdbx_seq_one_letter_code
_entity_poly.pdbx_strand_id
1 'polypeptide(L)'
;DIQMTQSPTSLSASVGETVTITCRTSENIHNFLTWYQQKQGKSPQVLVYNAKTLPDGVPSRFSGSGSGTQYSLKINSLQP
EDFGTYYCQHFWSSPWTFGGGTKLEIKRTVAAPSVFIFPPSDEQLKSGTASVVCLLNNFYPREAKVQWKVDNALQSGNSQ
ESVTEQDSKDSTYSLSSTLTLSKADYEKHKVYACEVTHQGLSSPVTKSFNRGEC
;
L,A
2 'polypeptide(L)'
;EVKLEESGGGLVQPGGSMKLSCAASGFTFSDAWMNWVRQSPEKGLEWVAEIRSKVINPAIYYAESVKERFTILRDDSKSS
VYLQMNSLRAEDTGIYYCSRSTMITTRDPSRYFDVWGAGTTVTVSSASTKGPSVFPLAPSSKSTSGGTAALGCLVKDYFP
EPVTVSWNSGALTSGVHTFPAVLQSSGLYSLSSVVTVPSSSLGTQTYICNVNHKPSNTKVDKKVEPK
;
H,B
#
# COMPACT_ATOMS: atom_id res chain seq x y z
N ASP A 1 26.65 -3.11 -43.55
CA ASP A 1 25.71 -3.01 -42.40
C ASP A 1 25.50 -4.39 -41.77
N ILE A 2 25.50 -4.42 -40.45
CA ILE A 2 25.34 -5.66 -39.69
C ILE A 2 24.48 -5.34 -38.47
N GLN A 3 23.17 -5.35 -38.64
CA GLN A 3 22.31 -5.03 -37.53
C GLN A 3 22.57 -5.98 -36.36
N MET A 4 22.16 -5.57 -35.14
CA MET A 4 22.05 -6.56 -34.06
C MET A 4 20.92 -6.26 -33.10
N THR A 5 20.08 -7.27 -32.98
CA THR A 5 18.96 -7.33 -32.07
C THR A 5 19.36 -8.04 -30.78
N GLN A 6 18.80 -7.56 -29.68
CA GLN A 6 19.08 -8.06 -28.35
C GLN A 6 17.77 -8.25 -27.61
N SER A 7 17.61 -9.38 -26.93
CA SER A 7 16.36 -9.73 -26.29
C SER A 7 16.57 -10.35 -24.92
N PRO A 8 15.67 -10.05 -23.95
CA PRO A 8 14.57 -9.09 -24.08
C PRO A 8 15.06 -7.64 -24.11
N THR A 9 14.21 -6.68 -23.75
CA THR A 9 14.62 -5.30 -23.54
C THR A 9 14.67 -4.95 -22.05
N SER A 10 13.63 -5.31 -21.30
CA SER A 10 13.60 -5.19 -19.86
C SER A 10 13.42 -6.58 -19.25
N LEU A 11 13.93 -6.77 -18.04
CA LEU A 11 13.81 -8.05 -17.36
C LEU A 11 13.96 -7.84 -15.86
N SER A 12 13.12 -8.53 -15.09
CA SER A 12 13.15 -8.50 -13.64
C SER A 12 13.35 -9.91 -13.10
N ALA A 13 14.09 -10.02 -12.00
CA ALA A 13 14.38 -11.31 -11.41
C ALA A 13 14.86 -11.10 -9.99
N SER A 14 14.66 -12.11 -9.15
CA SER A 14 15.02 -12.01 -7.75
C SER A 14 16.49 -12.39 -7.54
N VAL A 15 16.99 -12.08 -6.35
CA VAL A 15 18.33 -12.51 -5.98
C VAL A 15 18.35 -14.03 -5.88
N GLY A 16 19.30 -14.67 -6.55
CA GLY A 16 19.44 -16.10 -6.53
C GLY A 16 18.86 -16.81 -7.74
N GLU A 17 18.12 -16.11 -8.58
CA GLU A 17 17.57 -16.71 -9.79
C GLU A 17 18.65 -16.79 -10.88
N THR A 18 18.28 -17.44 -11.98
CA THR A 18 19.12 -17.54 -13.16
C THR A 18 18.42 -16.85 -14.32
N VAL A 19 19.17 -16.05 -15.08
CA VAL A 19 18.61 -15.22 -16.14
C VAL A 19 19.41 -15.41 -17.41
N THR A 20 18.73 -15.61 -18.53
CA THR A 20 19.35 -15.76 -19.83
C THR A 20 19.04 -14.54 -20.69
N ILE A 21 20.06 -14.03 -21.37
CA ILE A 21 19.94 -12.85 -22.22
C ILE A 21 20.42 -13.21 -23.62
N THR A 22 19.66 -12.78 -24.63
CA THR A 22 19.88 -13.19 -26.00
C THR A 22 20.30 -12.00 -26.83
N CYS A 23 21.27 -12.23 -27.72
CA CYS A 23 21.76 -11.21 -28.63
C CYS A 23 21.85 -11.82 -30.02
N ARG A 24 20.97 -11.41 -30.91
CA ARG A 24 20.90 -12.04 -32.21
C ARG A 24 21.61 -11.14 -33.22
N THR A 25 22.23 -11.74 -34.23
CA THR A 25 22.94 -11.00 -35.27
C THR A 25 22.34 -11.27 -36.63
N SER A 26 22.47 -10.31 -37.53
CA SER A 26 22.04 -10.46 -38.91
C SER A 26 23.09 -11.15 -39.76
N GLU A 27 24.17 -11.62 -39.13
CA GLU A 27 25.23 -12.34 -39.82
C GLU A 27 25.92 -13.26 -38.82
N ASN A 28 26.52 -14.32 -39.35
CA ASN A 28 27.44 -15.16 -38.62
C ASN A 28 28.70 -14.44 -38.17
N ILE A 29 28.67 -13.77 -37.02
CA ILE A 29 29.84 -13.05 -36.54
C ILE A 29 30.92 -14.03 -36.08
N HIS A 30 30.73 -15.32 -36.37
CA HIS A 30 31.62 -16.36 -35.89
C HIS A 30 31.53 -16.45 -34.38
N ASN A 31 32.48 -15.85 -33.67
CA ASN A 31 32.44 -15.89 -32.20
C ASN A 31 32.98 -14.62 -31.57
N PHE A 32 33.23 -13.57 -32.35
CA PHE A 32 33.76 -12.32 -31.82
C PHE A 32 32.60 -11.45 -31.31
N LEU A 33 32.05 -11.88 -30.19
CA LEU A 33 30.98 -11.18 -29.50
C LEU A 33 31.43 -10.85 -28.09
N THR A 34 31.20 -9.61 -27.67
CA THR A 34 31.59 -9.13 -26.35
C THR A 34 30.36 -8.63 -25.61
N TRP A 35 30.27 -8.94 -24.33
CA TRP A 35 29.18 -8.50 -23.47
C TRP A 35 29.72 -7.50 -22.45
N TYR A 36 28.95 -6.45 -22.20
CA TYR A 36 29.32 -5.44 -21.22
C TYR A 36 28.20 -5.27 -20.20
N GLN A 37 28.58 -4.78 -19.02
CA GLN A 37 27.63 -4.35 -18.00
C GLN A 37 27.84 -2.88 -17.73
N GLN A 38 26.74 -2.12 -17.66
CA GLN A 38 26.80 -0.70 -17.33
C GLN A 38 25.85 -0.41 -16.18
N LYS A 39 26.40 0.05 -15.07
CA LYS A 39 25.61 0.51 -13.94
C LYS A 39 25.36 2.01 -14.06
N GLN A 40 24.28 2.47 -13.44
CA GLN A 40 23.86 3.85 -13.58
C GLN A 40 24.98 4.81 -13.22
N GLY A 41 25.33 5.68 -14.18
CA GLY A 41 26.29 6.72 -13.93
C GLY A 41 27.74 6.31 -14.02
N LYS A 42 28.02 5.10 -14.50
CA LYS A 42 29.38 4.61 -14.64
C LYS A 42 29.61 4.18 -16.08
N SER A 43 30.87 3.89 -16.39
CA SER A 43 31.23 3.44 -17.72
C SER A 43 31.05 1.92 -17.84
N PRO A 44 30.75 1.41 -19.03
CA PRO A 44 30.62 -0.05 -19.18
C PRO A 44 31.93 -0.76 -18.84
N GLN A 45 31.81 -2.01 -18.43
CA GLN A 45 32.97 -2.85 -18.16
C GLN A 45 32.69 -4.26 -18.66
N VAL A 46 33.70 -4.88 -19.28
CA VAL A 46 33.50 -6.11 -20.02
C VAL A 46 33.14 -7.25 -19.07
N LEU A 47 32.25 -8.11 -19.51
CA LEU A 47 31.91 -9.34 -18.80
C LEU A 47 32.36 -10.59 -19.54
N VAL A 48 32.22 -10.62 -20.85
CA VAL A 48 32.57 -11.78 -21.67
C VAL A 48 33.08 -11.29 -23.01
N TYR A 49 34.18 -11.88 -23.48
CA TYR A 49 34.65 -11.70 -24.84
C TYR A 49 34.78 -13.07 -25.51
N ASN A 50 34.73 -13.07 -26.85
CA ASN A 50 34.80 -14.30 -27.63
C ASN A 50 33.65 -15.25 -27.28
N ALA A 51 32.50 -14.67 -26.93
CA ALA A 51 31.28 -15.42 -26.68
C ALA A 51 31.33 -16.20 -25.38
N LYS A 52 32.48 -16.75 -25.01
CA LYS A 52 32.47 -17.67 -23.88
C LYS A 52 33.53 -17.33 -22.83
N THR A 53 34.59 -16.65 -23.23
CA THR A 53 35.71 -16.41 -22.33
C THR A 53 35.40 -15.29 -21.36
N LEU A 54 35.80 -15.47 -20.09
CA LEU A 54 35.62 -14.47 -19.05
C LEU A 54 36.96 -13.81 -18.72
N PRO A 55 37.06 -12.49 -18.79
CA PRO A 55 38.34 -11.83 -18.45
C PRO A 55 38.70 -11.99 -16.98
N ASP A 56 39.80 -11.37 -16.56
CA ASP A 56 40.23 -11.50 -15.17
C ASP A 56 39.29 -10.74 -14.25
N GLY A 57 38.92 -11.39 -13.14
CA GLY A 57 38.19 -10.75 -12.08
C GLY A 57 36.68 -10.88 -12.16
N VAL A 58 36.14 -11.20 -13.33
CA VAL A 58 34.69 -11.32 -13.50
C VAL A 58 34.23 -12.63 -12.88
N PRO A 59 33.30 -12.63 -11.93
CA PRO A 59 32.91 -13.87 -11.25
C PRO A 59 32.42 -14.92 -12.23
N SER A 60 32.52 -16.18 -11.82
CA SER A 60 32.15 -17.30 -12.67
C SER A 60 30.64 -17.51 -12.75
N ARG A 61 29.85 -16.68 -12.07
CA ARG A 61 28.41 -16.72 -12.28
C ARG A 61 28.05 -16.42 -13.72
N PHE A 62 28.85 -15.58 -14.38
CA PHE A 62 28.60 -15.21 -15.77
C PHE A 62 29.16 -16.28 -16.70
N SER A 63 28.41 -16.59 -17.75
CA SER A 63 28.83 -17.56 -18.74
C SER A 63 28.15 -17.22 -20.05
N GLY A 64 28.92 -17.19 -21.13
CA GLY A 64 28.35 -16.96 -22.44
C GLY A 64 28.38 -18.22 -23.29
N SER A 65 27.53 -18.30 -24.29
CA SER A 65 27.51 -19.47 -25.16
C SER A 65 26.89 -19.07 -26.49
N GLY A 66 26.92 -20.00 -27.43
CA GLY A 66 26.33 -19.82 -28.74
C GLY A 66 27.39 -19.72 -29.83
N SER A 67 26.90 -19.74 -31.06
CA SER A 67 27.76 -19.64 -32.24
C SER A 67 26.91 -19.18 -33.41
N GLY A 68 27.59 -18.76 -34.47
CA GLY A 68 26.90 -18.32 -35.66
C GLY A 68 26.15 -17.02 -35.49
N THR A 69 24.84 -17.10 -35.26
CA THR A 69 24.01 -15.90 -35.18
C THR A 69 23.24 -15.77 -33.87
N GLN A 70 22.96 -16.86 -33.17
CA GLN A 70 22.42 -16.78 -31.82
C GLN A 70 23.54 -16.84 -30.79
N TYR A 71 23.46 -15.97 -29.79
CA TYR A 71 24.39 -15.97 -28.67
C TYR A 71 23.62 -15.64 -27.40
N SER A 72 24.12 -16.15 -26.27
CA SER A 72 23.43 -16.02 -25.00
C SER A 72 24.39 -15.53 -23.92
N LEU A 73 23.86 -14.73 -23.01
CA LEU A 73 24.53 -14.37 -21.77
C LEU A 73 23.75 -14.98 -20.61
N LYS A 74 24.47 -15.51 -19.63
CA LYS A 74 23.84 -16.32 -18.59
C LYS A 74 24.42 -15.98 -17.23
N ILE A 75 23.58 -16.04 -16.21
CA ILE A 75 23.95 -15.64 -14.86
C ILE A 75 23.33 -16.64 -13.88
N ASN A 76 24.16 -17.49 -13.30
CA ASN A 76 23.69 -18.46 -12.32
C ASN A 76 23.61 -17.80 -10.94
N SER A 77 22.41 -17.78 -10.36
CA SER A 77 22.21 -17.24 -9.03
C SER A 77 22.59 -15.77 -8.96
N LEU A 78 21.65 -14.90 -9.36
CA LEU A 78 21.92 -13.47 -9.33
C LEU A 78 22.20 -12.98 -7.91
N GLN A 79 23.43 -12.54 -7.66
CA GLN A 79 23.74 -11.77 -6.46
C GLN A 79 23.53 -10.29 -6.73
N PRO A 80 23.32 -9.48 -5.69
CA PRO A 80 22.80 -8.12 -5.93
C PRO A 80 23.74 -7.20 -6.69
N GLU A 81 24.91 -7.70 -7.10
CA GLU A 81 25.86 -6.82 -7.75
C GLU A 81 25.59 -6.63 -9.24
N ASP A 82 24.52 -7.22 -9.78
CA ASP A 82 24.48 -7.51 -11.21
C ASP A 82 23.34 -6.82 -11.95
N PHE A 83 22.78 -5.74 -11.42
CA PHE A 83 21.56 -5.17 -11.98
C PHE A 83 21.86 -3.78 -12.55
N GLY A 84 22.35 -3.77 -13.78
CA GLY A 84 22.48 -2.56 -14.57
C GLY A 84 21.92 -2.79 -15.96
N THR A 85 22.69 -2.43 -16.98
CA THR A 85 22.32 -2.66 -18.37
C THR A 85 23.39 -3.51 -19.04
N TYR A 86 22.97 -4.41 -19.91
CA TYR A 86 23.87 -5.34 -20.57
C TYR A 86 23.83 -5.13 -22.07
N TYR A 87 24.98 -4.79 -22.65
CA TYR A 87 25.12 -4.59 -24.09
C TYR A 87 25.97 -5.70 -24.68
N CYS A 88 25.58 -6.18 -25.86
CA CYS A 88 26.44 -7.03 -26.67
C CYS A 88 27.08 -6.21 -27.77
N GLN A 89 28.27 -6.64 -28.19
CA GLN A 89 29.01 -5.94 -29.24
C GLN A 89 29.79 -6.98 -30.04
N HIS A 90 29.67 -6.91 -31.36
CA HIS A 90 30.41 -7.78 -32.25
C HIS A 90 31.72 -7.11 -32.66
N PHE A 91 32.76 -7.93 -32.84
CA PHE A 91 34.05 -7.45 -33.28
C PHE A 91 34.52 -8.19 -34.54
N TRP A 92 33.58 -8.71 -35.32
CA TRP A 92 33.94 -9.44 -36.53
C TRP A 92 34.64 -8.51 -37.54
N SER A 93 34.08 -7.32 -37.74
CA SER A 93 34.66 -6.35 -38.66
C SER A 93 34.04 -5.00 -38.40
N SER A 94 34.85 -3.95 -38.53
CA SER A 94 34.35 -2.59 -38.38
C SER A 94 33.24 -2.33 -39.40
N PRO A 95 32.20 -1.57 -39.04
CA PRO A 95 32.03 -0.89 -37.74
C PRO A 95 31.68 -1.83 -36.59
N TRP A 96 32.22 -1.55 -35.40
CA TRP A 96 31.92 -2.35 -34.21
C TRP A 96 30.55 -1.93 -33.70
N THR A 97 29.49 -2.54 -34.23
CA THR A 97 28.14 -2.14 -33.87
C THR A 97 27.76 -2.70 -32.51
N PHE A 98 26.99 -1.92 -31.75
CA PHE A 98 26.51 -2.32 -30.44
C PHE A 98 25.08 -2.83 -30.51
N GLY A 99 24.72 -3.64 -29.51
CA GLY A 99 23.35 -4.07 -29.35
C GLY A 99 22.52 -3.06 -28.57
N GLY A 100 21.20 -3.19 -28.67
CA GLY A 100 20.30 -2.25 -28.03
C GLY A 100 20.37 -2.23 -26.53
N GLY A 101 20.85 -3.31 -25.91
CA GLY A 101 21.00 -3.40 -24.47
C GLY A 101 19.73 -3.90 -23.80
N THR A 102 19.92 -4.53 -22.65
CA THR A 102 18.81 -5.04 -21.86
C THR A 102 18.95 -4.50 -20.44
N LYS A 103 17.95 -3.77 -19.97
CA LYS A 103 17.96 -3.28 -18.59
C LYS A 103 17.48 -4.40 -17.65
N LEU A 104 18.21 -4.61 -16.57
CA LEU A 104 17.94 -5.71 -15.64
C LEU A 104 17.63 -5.15 -14.25
N GLU A 105 16.50 -5.54 -13.70
CA GLU A 105 16.01 -4.99 -12.45
C GLU A 105 15.84 -6.07 -11.40
N ILE A 106 16.07 -5.70 -10.14
CA ILE A 106 15.76 -6.59 -9.03
C ILE A 106 14.25 -6.67 -8.86
N LYS A 107 13.76 -7.82 -8.44
CA LYS A 107 12.34 -8.04 -8.19
C LYS A 107 12.15 -8.47 -6.75
N ARG A 108 11.66 -7.57 -5.91
CA ARG A 108 11.39 -7.84 -4.51
C ARG A 108 9.90 -8.12 -4.34
N THR A 109 9.40 -8.06 -3.10
CA THR A 109 7.98 -8.21 -2.85
C THR A 109 7.24 -6.90 -3.10
N VAL A 110 5.93 -7.00 -3.25
CA VAL A 110 5.12 -5.81 -3.53
C VAL A 110 5.14 -4.88 -2.33
N ALA A 111 5.21 -3.58 -2.61
CA ALA A 111 5.28 -2.56 -1.56
C ALA A 111 4.44 -1.36 -2.00
N ALA A 112 3.46 -0.99 -1.17
CA ALA A 112 2.56 0.09 -1.50
C ALA A 112 3.25 1.44 -1.34
N PRO A 113 2.87 2.44 -2.14
CA PRO A 113 3.51 3.76 -2.04
C PRO A 113 2.90 4.61 -0.93
N SER A 114 3.75 5.44 -0.33
CA SER A 114 3.31 6.52 0.55
C SER A 114 3.10 7.76 -0.31
N VAL A 115 1.96 8.43 -0.13
CA VAL A 115 1.55 9.51 -1.01
C VAL A 115 1.60 10.82 -0.24
N PHE A 116 2.34 11.79 -0.77
CA PHE A 116 2.36 13.16 -0.28
C PHE A 116 1.97 14.10 -1.40
N ILE A 117 1.39 15.24 -1.04
CA ILE A 117 1.03 16.28 -1.99
C ILE A 117 1.56 17.61 -1.47
N PHE A 118 1.95 18.49 -2.38
CA PHE A 118 2.57 19.76 -2.02
C PHE A 118 1.91 20.89 -2.80
N PRO A 119 1.29 21.87 -2.15
CA PRO A 119 0.77 23.04 -2.87
C PRO A 119 1.91 23.92 -3.36
N PRO A 120 1.64 24.85 -4.28
CA PRO A 120 2.67 25.81 -4.69
C PRO A 120 3.09 26.70 -3.53
N SER A 121 4.26 27.33 -3.67
CA SER A 121 4.78 28.24 -2.67
C SER A 121 4.48 29.68 -3.07
N ASP A 122 4.29 30.54 -2.07
CA ASP A 122 4.04 31.94 -2.35
C ASP A 122 5.21 32.57 -3.10
N GLU A 123 6.43 32.14 -2.81
CA GLU A 123 7.57 32.52 -3.62
C GLU A 123 7.31 32.19 -5.08
N GLN A 124 6.88 30.95 -5.36
CA GLN A 124 6.55 30.57 -6.72
C GLN A 124 5.32 31.31 -7.21
N LEU A 125 4.39 31.61 -6.32
CA LEU A 125 3.18 32.36 -6.67
C LEU A 125 3.40 33.86 -6.63
N LYS A 126 4.61 34.31 -6.94
CA LYS A 126 4.88 35.71 -7.24
C LYS A 126 5.30 35.93 -8.69
N SER A 127 5.48 34.87 -9.46
CA SER A 127 6.08 34.96 -10.80
C SER A 127 5.18 34.45 -11.91
N GLY A 128 3.94 34.04 -11.60
CA GLY A 128 2.98 33.65 -12.61
C GLY A 128 2.92 32.17 -12.92
N THR A 129 3.66 31.34 -12.19
CA THR A 129 3.66 29.90 -12.40
C THR A 129 3.15 29.22 -11.14
N ALA A 130 2.58 28.03 -11.31
CA ALA A 130 2.06 27.25 -10.20
C ALA A 130 2.26 25.78 -10.49
N SER A 131 3.05 25.10 -9.66
CA SER A 131 3.34 23.68 -9.81
C SER A 131 2.89 22.93 -8.56
N VAL A 132 2.09 21.88 -8.75
CA VAL A 132 1.61 21.05 -7.66
C VAL A 132 2.28 19.69 -7.78
N VAL A 133 2.92 19.25 -6.70
CA VAL A 133 3.78 18.08 -6.71
C VAL A 133 3.15 16.97 -5.87
N CYS A 134 3.03 15.79 -6.45
CA CYS A 134 2.54 14.59 -5.77
C CYS A 134 3.68 13.58 -5.70
N LEU A 135 4.02 13.13 -4.50
CA LEU A 135 5.21 12.31 -4.26
C LEU A 135 4.82 10.90 -3.89
N LEU A 136 5.54 9.93 -4.48
CA LEU A 136 5.36 8.51 -4.21
C LEU A 136 6.73 7.92 -3.88
N ASN A 137 6.79 7.14 -2.81
CA ASN A 137 8.04 6.67 -2.21
C ASN A 137 8.01 5.23 -1.74
N ASN A 138 9.05 4.50 -2.13
CA ASN A 138 9.35 3.16 -1.65
C ASN A 138 8.18 2.23 -1.95
N PHE A 139 7.87 2.12 -3.24
CA PHE A 139 6.88 1.20 -3.76
C PHE A 139 7.52 0.27 -4.78
N TYR A 140 6.81 -0.82 -5.07
CA TYR A 140 7.20 -1.80 -6.07
C TYR A 140 5.97 -2.63 -6.39
N PRO A 141 5.73 -3.01 -7.66
CA PRO A 141 6.56 -2.67 -8.83
C PRO A 141 6.41 -1.22 -9.28
N ARG A 142 7.18 -0.84 -10.31
CA ARG A 142 7.31 0.57 -10.69
C ARG A 142 6.10 1.10 -11.44
N GLU A 143 5.26 0.24 -12.00
CA GLU A 143 4.10 0.69 -12.76
C GLU A 143 3.07 1.29 -11.81
N ALA A 144 2.85 2.59 -11.90
CA ALA A 144 1.90 3.28 -11.04
C ALA A 144 1.23 4.39 -11.83
N LYS A 145 -0.08 4.52 -11.68
CA LYS A 145 -0.86 5.55 -12.37
C LYS A 145 -1.19 6.68 -11.41
N VAL A 146 -0.86 7.90 -11.81
CA VAL A 146 -1.14 9.10 -11.03
C VAL A 146 -2.07 9.99 -11.84
N GLN A 147 -3.27 10.22 -11.34
CA GLN A 147 -4.26 11.05 -12.00
C GLN A 147 -4.56 12.28 -11.15
N TRP A 148 -4.64 13.43 -11.81
CA TRP A 148 -4.89 14.69 -11.14
C TRP A 148 -6.36 15.07 -11.28
N LYS A 149 -6.96 15.52 -10.18
CA LYS A 149 -8.35 15.96 -10.16
C LYS A 149 -8.38 17.41 -9.68
N VAL A 150 -8.85 18.31 -10.54
CA VAL A 150 -9.03 19.72 -10.20
C VAL A 150 -10.53 19.98 -10.15
N ASP A 151 -11.05 20.26 -8.95
CA ASP A 151 -12.48 20.35 -8.73
C ASP A 151 -13.18 19.07 -9.18
N ASN A 152 -12.50 17.94 -8.97
CA ASN A 152 -12.98 16.60 -9.29
C ASN A 152 -13.13 16.36 -10.79
N ALA A 153 -12.60 17.26 -11.62
CA ALA A 153 -12.56 17.07 -13.07
C ALA A 153 -11.23 16.41 -13.42
N LEU A 154 -11.29 15.23 -14.05
CA LEU A 154 -10.07 14.53 -14.43
C LEU A 154 -9.23 15.42 -15.33
N GLN A 155 -7.91 15.41 -15.08
CA GLN A 155 -6.98 16.32 -15.72
C GLN A 155 -6.14 15.59 -16.75
N SER A 156 -5.76 16.31 -17.81
CA SER A 156 -4.98 15.71 -18.89
C SER A 156 -4.15 16.80 -19.57
N GLY A 157 -2.98 16.39 -20.06
CA GLY A 157 -2.14 17.25 -20.86
C GLY A 157 -1.31 18.25 -20.09
N ASN A 158 -1.38 18.25 -18.76
CA ASN A 158 -0.63 19.21 -17.96
C ASN A 158 0.13 18.55 -16.81
N SER A 159 0.28 17.23 -16.84
CA SER A 159 1.03 16.50 -15.82
C SER A 159 2.32 15.97 -16.41
N GLN A 160 3.39 16.00 -15.61
CA GLN A 160 4.69 15.48 -16.01
C GLN A 160 5.25 14.67 -14.85
N GLU A 161 5.56 13.40 -15.11
CA GLU A 161 6.00 12.48 -14.09
C GLU A 161 7.44 12.05 -14.33
N SER A 162 8.09 11.61 -13.26
CA SER A 162 9.49 11.20 -13.32
C SER A 162 9.72 10.10 -12.30
N VAL A 163 10.39 9.03 -12.71
CA VAL A 163 10.66 7.88 -11.86
C VAL A 163 12.16 7.85 -11.54
N THR A 164 12.49 7.43 -10.32
CA THR A 164 13.88 7.24 -9.93
C THR A 164 14.34 5.83 -10.28
N GLU A 165 15.65 5.67 -10.36
CA GLU A 165 16.22 4.35 -10.60
C GLU A 165 16.02 3.45 -9.37
N GLN A 166 16.00 2.15 -9.62
CA GLN A 166 16.00 1.16 -8.54
C GLN A 166 16.91 1.60 -7.40
N ASP A 167 16.35 1.65 -6.20
CA ASP A 167 17.12 2.06 -5.03
C ASP A 167 18.07 0.95 -4.61
N SER A 168 19.25 1.35 -4.12
CA SER A 168 20.24 0.36 -3.70
C SER A 168 19.95 -0.18 -2.31
N LYS A 169 19.34 0.63 -1.44
CA LYS A 169 19.06 0.18 -0.08
C LYS A 169 18.04 -0.96 -0.07
N ASP A 170 16.90 -0.76 -0.74
CA ASP A 170 15.81 -1.73 -0.65
C ASP A 170 15.16 -2.03 -1.99
N SER A 171 15.71 -1.56 -3.10
CA SER A 171 15.22 -1.90 -4.43
C SER A 171 13.76 -1.48 -4.61
N THR A 172 13.42 -0.29 -4.11
CA THR A 172 12.11 0.30 -4.33
C THR A 172 12.23 1.45 -5.32
N TYR A 173 11.08 1.99 -5.71
CA TYR A 173 11.00 3.10 -6.66
C TYR A 173 10.40 4.32 -5.97
N SER A 174 10.55 5.46 -6.62
CA SER A 174 9.96 6.73 -6.20
C SER A 174 9.50 7.49 -7.44
N LEU A 175 8.46 8.30 -7.29
CA LEU A 175 7.84 9.02 -8.39
C LEU A 175 7.42 10.39 -7.88
N SER A 176 7.75 11.46 -8.61
CA SER A 176 7.06 12.75 -8.46
C SER A 176 6.20 13.03 -9.68
N SER A 177 4.95 13.43 -9.45
CA SER A 177 4.11 13.95 -10.52
C SER A 177 3.84 15.42 -10.24
N THR A 178 4.20 16.28 -11.18
CA THR A 178 4.07 17.73 -11.02
C THR A 178 2.98 18.25 -11.94
N LEU A 179 1.93 18.80 -11.34
CA LEU A 179 0.85 19.45 -12.09
C LEU A 179 1.25 20.89 -12.33
N THR A 180 1.61 21.22 -13.56
CA THR A 180 2.00 22.58 -13.92
C THR A 180 0.76 23.37 -14.33
N LEU A 181 0.65 24.60 -13.82
CA LEU A 181 -0.51 25.41 -14.10
C LEU A 181 -0.12 26.87 -14.16
N SER A 182 -0.98 27.67 -14.79
CA SER A 182 -0.86 29.13 -14.72
C SER A 182 -1.44 29.61 -13.39
N LYS A 183 -0.90 30.73 -12.90
CA LYS A 183 -1.36 31.25 -11.61
C LYS A 183 -2.85 31.56 -11.65
N ALA A 184 -3.30 32.25 -12.70
CA ALA A 184 -4.71 32.61 -12.78
C ALA A 184 -5.60 31.38 -12.73
N ASP A 185 -5.19 30.29 -13.39
CA ASP A 185 -5.96 29.06 -13.32
C ASP A 185 -5.88 28.43 -11.95
N TYR A 186 -4.74 28.54 -11.27
CA TYR A 186 -4.61 27.97 -9.93
C TYR A 186 -5.51 28.67 -8.93
N GLU A 187 -5.55 30.00 -8.98
CA GLU A 187 -6.42 30.75 -8.09
C GLU A 187 -7.89 30.55 -8.41
N LYS A 188 -8.21 30.11 -9.63
CA LYS A 188 -9.61 29.85 -9.96
C LYS A 188 -10.17 28.64 -9.19
N HIS A 189 -9.33 27.63 -8.87
CA HIS A 189 -9.74 26.32 -8.36
C HIS A 189 -9.26 26.10 -6.92
N LYS A 190 -9.83 25.07 -6.26
CA LYS A 190 -9.82 24.89 -4.80
C LYS A 190 -9.34 23.54 -4.34
N VAL A 191 -9.99 22.52 -4.87
CA VAL A 191 -9.73 21.14 -4.54
C VAL A 191 -8.76 20.63 -5.58
N TYR A 192 -7.58 20.26 -5.13
CA TYR A 192 -6.52 19.68 -5.94
C TYR A 192 -6.22 18.31 -5.36
N ALA A 193 -6.63 17.26 -6.07
CA ALA A 193 -6.51 15.90 -5.59
C ALA A 193 -5.55 15.11 -6.46
N CYS A 194 -4.78 14.24 -5.81
CA CYS A 194 -3.86 13.31 -6.48
C CYS A 194 -4.30 11.90 -6.11
N GLU A 195 -4.73 11.14 -7.10
CA GLU A 195 -5.23 9.79 -6.90
C GLU A 195 -4.20 8.80 -7.42
N VAL A 196 -3.78 7.88 -6.55
CA VAL A 196 -2.75 6.90 -6.86
C VAL A 196 -3.39 5.52 -6.93
N THR A 197 -3.07 4.78 -7.99
CA THR A 197 -3.51 3.40 -8.17
C THR A 197 -2.28 2.53 -8.30
N HIS A 198 -2.14 1.55 -7.41
CA HIS A 198 -0.96 0.70 -7.40
C HIS A 198 -1.32 -0.70 -6.95
N GLN A 199 -0.56 -1.67 -7.44
CA GLN A 199 -0.76 -3.06 -7.07
C GLN A 199 -0.80 -3.24 -5.56
N GLY A 200 0.09 -2.55 -4.84
CA GLY A 200 0.23 -2.79 -3.42
C GLY A 200 -0.91 -2.26 -2.57
N LEU A 201 -1.67 -1.30 -3.08
CA LEU A 201 -2.85 -0.82 -2.38
C LEU A 201 -4.12 -1.49 -2.89
N SER A 202 -5.05 -1.73 -1.97
CA SER A 202 -6.29 -2.42 -2.33
C SER A 202 -7.28 -1.46 -3.01
N SER A 203 -7.35 -0.21 -2.55
CA SER A 203 -8.25 0.77 -3.14
C SER A 203 -7.46 2.00 -3.58
N PRO A 204 -7.80 2.61 -4.73
CA PRO A 204 -7.10 3.83 -5.14
C PRO A 204 -7.13 4.90 -4.06
N VAL A 205 -5.96 5.32 -3.58
CA VAL A 205 -5.87 6.30 -2.50
C VAL A 205 -5.87 7.70 -3.11
N THR A 206 -6.34 8.67 -2.34
CA THR A 206 -6.38 10.06 -2.77
C THR A 206 -5.80 10.96 -1.69
N LYS A 207 -4.99 11.93 -2.10
CA LYS A 207 -4.50 12.99 -1.24
C LYS A 207 -4.89 14.33 -1.86
N SER A 208 -5.45 15.22 -1.05
CA SER A 208 -5.97 16.48 -1.57
C SER A 208 -5.54 17.63 -0.67
N PHE A 209 -5.92 18.84 -1.07
CA PHE A 209 -5.73 20.04 -0.26
C PHE A 209 -6.58 21.16 -0.86
N ASN A 210 -7.19 21.97 0.01
CA ASN A 210 -7.92 23.15 -0.41
C ASN A 210 -6.97 24.34 -0.49
N ARG A 211 -7.08 25.10 -1.59
CA ARG A 211 -6.22 26.27 -1.72
C ARG A 211 -6.54 27.31 -0.64
N GLY A 212 -7.82 27.47 -0.31
CA GLY A 212 -8.21 28.43 0.71
C GLY A 212 -8.09 27.92 2.13
N GLU A 213 -8.02 26.61 2.31
CA GLU A 213 -7.92 26.01 3.63
C GLU A 213 -6.61 25.24 3.75
N GLU B 1 46.72 2.30 -12.80
CA GLU B 1 46.90 3.68 -13.32
C GLU B 1 46.45 3.78 -14.77
N VAL B 2 46.10 2.65 -15.37
CA VAL B 2 45.59 2.64 -16.74
C VAL B 2 44.25 3.39 -16.73
N LYS B 3 44.24 4.60 -17.29
CA LYS B 3 43.05 5.43 -17.23
C LYS B 3 42.95 6.32 -18.46
N LEU B 4 41.71 6.55 -18.89
CA LEU B 4 41.39 7.50 -19.94
C LEU B 4 40.61 8.65 -19.31
N GLU B 5 40.99 9.88 -19.64
CA GLU B 5 40.35 11.07 -19.07
C GLU B 5 39.91 11.98 -20.22
N GLU B 6 38.60 12.10 -20.41
CA GLU B 6 38.06 12.93 -21.47
C GLU B 6 37.85 14.36 -21.00
N SER B 7 37.79 15.28 -21.96
CA SER B 7 37.51 16.68 -21.68
C SER B 7 37.11 17.35 -22.98
N GLY B 8 36.56 18.56 -22.86
CA GLY B 8 36.19 19.36 -24.01
C GLY B 8 34.71 19.45 -24.28
N GLY B 9 33.89 18.69 -23.56
CA GLY B 9 32.46 18.71 -23.77
C GLY B 9 31.84 20.01 -23.31
N GLY B 10 30.50 20.03 -23.34
CA GLY B 10 29.72 21.17 -22.92
C GLY B 10 28.61 21.44 -23.91
N LEU B 11 28.05 22.65 -23.82
CA LEU B 11 26.96 23.07 -24.67
C LEU B 11 27.51 23.75 -25.92
N VAL B 12 26.83 23.54 -27.05
CA VAL B 12 27.27 24.10 -28.32
C VAL B 12 26.07 24.29 -29.23
N GLN B 13 26.19 25.25 -30.14
CA GLN B 13 25.13 25.57 -31.07
C GLN B 13 25.01 24.51 -32.16
N PRO B 14 23.80 24.26 -32.66
CA PRO B 14 23.65 23.41 -33.84
C PRO B 14 24.50 23.93 -35.00
N GLY B 15 25.08 23.00 -35.75
CA GLY B 15 26.04 23.37 -36.78
C GLY B 15 27.34 23.91 -36.24
N GLY B 16 27.55 23.86 -34.93
CA GLY B 16 28.76 24.34 -34.30
C GLY B 16 29.87 23.31 -34.35
N SER B 17 30.90 23.58 -33.56
CA SER B 17 32.11 22.76 -33.56
C SER B 17 32.57 22.53 -32.13
N MET B 18 33.29 21.43 -31.93
CA MET B 18 33.74 21.04 -30.59
C MET B 18 34.79 19.95 -30.70
N LYS B 19 35.90 20.12 -29.97
CA LYS B 19 37.04 19.21 -30.03
C LYS B 19 37.15 18.49 -28.69
N LEU B 20 36.85 17.19 -28.69
CA LEU B 20 36.96 16.38 -27.49
C LEU B 20 38.36 15.80 -27.39
N SER B 21 39.00 16.00 -26.25
CA SER B 21 40.35 15.51 -25.98
C SER B 21 40.28 14.32 -25.02
N CYS B 22 41.23 13.39 -25.18
CA CYS B 22 41.30 12.20 -24.35
C CYS B 22 42.77 11.95 -24.02
N ALA B 23 43.17 12.31 -22.81
CA ALA B 23 44.50 12.05 -22.31
C ALA B 23 44.58 10.64 -21.74
N ALA B 24 45.80 10.08 -21.74
CA ALA B 24 46.00 8.72 -21.27
C ALA B 24 47.38 8.60 -20.65
N SER B 25 47.47 7.83 -19.57
CA SER B 25 48.75 7.48 -18.98
C SER B 25 48.61 6.11 -18.34
N GLY B 26 49.75 5.58 -17.88
CA GLY B 26 49.80 4.25 -17.30
C GLY B 26 50.08 3.14 -18.30
N PHE B 27 50.18 3.46 -19.58
CA PHE B 27 50.47 2.48 -20.61
C PHE B 27 51.08 3.20 -21.80
N THR B 28 51.97 2.50 -22.50
CA THR B 28 52.56 3.06 -23.72
C THR B 28 51.47 3.34 -24.74
N PHE B 29 51.27 4.61 -25.08
CA PHE B 29 50.12 5.01 -25.88
C PHE B 29 50.33 4.78 -27.37
N SER B 30 51.57 4.82 -27.85
CA SER B 30 51.84 4.97 -29.28
C SER B 30 51.68 3.67 -30.07
N ASP B 31 51.02 2.66 -29.51
CA ASP B 31 50.58 1.52 -30.31
C ASP B 31 49.16 1.08 -29.99
N ALA B 32 48.52 1.67 -28.99
CA ALA B 32 47.17 1.27 -28.63
C ALA B 32 46.16 1.76 -29.66
N TRP B 33 45.05 1.05 -29.76
CA TRP B 33 43.95 1.40 -30.65
C TRP B 33 42.88 2.11 -29.84
N MET B 34 42.58 3.35 -30.21
CA MET B 34 41.67 4.20 -29.45
C MET B 34 40.33 4.29 -30.17
N ASN B 35 39.24 4.25 -29.39
CA ASN B 35 37.89 4.29 -29.92
C ASN B 35 37.07 5.32 -29.17
N TRP B 36 36.16 5.97 -29.89
CA TRP B 36 35.19 6.88 -29.32
C TRP B 36 33.81 6.25 -29.37
N VAL B 37 33.12 6.23 -28.23
CA VAL B 37 31.76 5.73 -28.13
C VAL B 37 30.91 6.82 -27.50
N ARG B 38 29.66 6.95 -27.94
CA ARG B 38 28.74 7.91 -27.38
C ARG B 38 27.49 7.20 -26.88
N GLN B 39 26.80 7.86 -25.95
CA GLN B 39 25.64 7.27 -25.27
C GLN B 39 24.60 8.36 -25.06
N SER B 40 23.40 8.14 -25.60
CA SER B 40 22.24 8.98 -25.35
C SER B 40 21.12 8.10 -24.78
N PRO B 41 20.23 8.66 -23.96
CA PRO B 41 19.22 7.80 -23.32
C PRO B 41 18.36 7.03 -24.29
N GLU B 42 18.27 7.47 -25.55
CA GLU B 42 17.41 6.81 -26.52
C GLU B 42 18.08 5.58 -27.12
N LYS B 43 19.22 5.77 -27.78
CA LYS B 43 19.83 4.73 -28.58
C LYS B 43 20.87 3.92 -27.82
N GLY B 44 21.15 4.26 -26.56
CA GLY B 44 22.16 3.53 -25.83
C GLY B 44 23.53 3.73 -26.44
N LEU B 45 24.40 2.75 -26.22
CA LEU B 45 25.77 2.84 -26.71
C LEU B 45 25.80 2.78 -28.23
N GLU B 46 26.72 3.53 -28.82
CA GLU B 46 26.88 3.58 -30.27
C GLU B 46 28.33 3.89 -30.59
N TRP B 47 28.98 3.01 -31.35
CA TRP B 47 30.35 3.24 -31.75
C TRP B 47 30.44 4.38 -32.75
N VAL B 48 31.48 5.20 -32.61
CA VAL B 48 31.62 6.44 -33.37
C VAL B 48 32.83 6.40 -34.29
N ALA B 49 33.99 6.02 -33.77
CA ALA B 49 35.20 6.04 -34.58
C ALA B 49 36.31 5.25 -33.88
N GLU B 50 37.34 4.96 -34.66
CA GLU B 50 38.53 4.24 -34.18
C GLU B 50 39.72 4.77 -34.94
N ILE B 51 40.87 4.85 -34.26
CA ILE B 51 42.14 5.19 -34.90
C ILE B 51 43.19 4.23 -34.39
N ARG B 52 43.91 3.60 -35.32
CA ARG B 52 45.01 2.70 -35.02
C ARG B 52 46.33 3.41 -35.27
N SER B 53 47.40 2.85 -34.71
CA SER B 53 48.73 3.42 -34.83
C SER B 53 49.63 2.49 -35.63
N LYS B 54 50.38 3.08 -36.56
CA LYS B 54 51.31 2.34 -37.42
C LYS B 54 50.59 1.19 -38.14
N VAL B 55 49.73 1.57 -39.07
CA VAL B 55 48.95 0.62 -39.85
C VAL B 55 48.80 1.15 -41.27
N ILE B 56 49.42 0.47 -42.24
CA ILE B 56 49.31 0.88 -43.63
C ILE B 56 47.90 0.67 -44.16
N ASN B 57 47.08 -0.13 -43.46
CA ASN B 57 45.67 -0.30 -43.76
C ASN B 57 44.94 1.01 -43.45
N PRO B 58 43.61 1.08 -43.64
CA PRO B 58 42.92 2.36 -43.43
C PRO B 58 43.31 3.06 -42.13
N ALA B 59 43.43 2.32 -41.03
CA ALA B 59 43.89 2.86 -39.76
C ALA B 59 42.87 3.77 -39.09
N ILE B 60 42.04 4.44 -39.88
CA ILE B 60 40.98 5.30 -39.37
C ILE B 60 39.65 4.77 -39.89
N TYR B 61 38.73 4.47 -38.96
CA TYR B 61 37.39 4.01 -39.29
C TYR B 61 36.37 4.91 -38.62
N TYR B 62 35.21 5.05 -39.26
CA TYR B 62 34.14 5.90 -38.73
C TYR B 62 32.81 5.18 -38.86
N ALA B 63 31.89 5.46 -37.94
CA ALA B 63 30.49 5.10 -38.13
C ALA B 63 29.94 5.87 -39.33
N GLU B 64 28.91 5.30 -39.97
CA GLU B 64 28.41 5.88 -41.22
C GLU B 64 27.78 7.25 -40.99
N SER B 65 27.14 7.46 -39.84
CA SER B 65 26.43 8.70 -39.62
C SER B 65 27.35 9.88 -39.32
N VAL B 66 28.64 9.63 -39.06
CA VAL B 66 29.57 10.69 -38.68
C VAL B 66 30.68 10.91 -39.69
N LYS B 67 30.81 10.07 -40.72
CA LYS B 67 31.79 10.36 -41.75
C LYS B 67 31.46 11.69 -42.43
N GLU B 68 32.51 12.37 -42.91
CA GLU B 68 32.39 13.74 -43.44
C GLU B 68 32.45 14.77 -42.32
N ARG B 69 31.57 14.64 -41.32
CA ARG B 69 31.41 15.68 -40.30
C ARG B 69 32.46 15.58 -39.20
N PHE B 70 32.79 14.37 -38.77
CA PHE B 70 33.75 14.16 -37.71
C PHE B 70 35.12 13.79 -38.29
N THR B 71 36.16 14.01 -37.48
CA THR B 71 37.49 13.55 -37.84
C THR B 71 38.26 13.20 -36.58
N ILE B 72 38.80 11.99 -36.54
CA ILE B 72 39.55 11.50 -35.39
C ILE B 72 41.04 11.73 -35.65
N LEU B 73 41.76 12.20 -34.63
CA LEU B 73 43.16 12.54 -34.76
C LEU B 73 43.93 11.99 -33.57
N ARG B 74 45.25 11.95 -33.73
CA ARG B 74 46.15 11.37 -32.73
C ARG B 74 47.47 12.12 -32.74
N ASP B 75 48.05 12.31 -31.55
CA ASP B 75 49.40 12.84 -31.42
C ASP B 75 50.13 12.03 -30.37
N ASP B 76 51.20 11.35 -30.76
CA ASP B 76 51.77 10.32 -29.90
C ASP B 76 52.67 10.92 -28.82
N SER B 77 53.32 12.05 -29.08
CA SER B 77 54.11 12.72 -28.05
C SER B 77 53.25 13.31 -26.93
N LYS B 78 51.96 13.54 -27.19
CA LYS B 78 51.05 14.04 -26.18
C LYS B 78 50.20 12.93 -25.55
N SER B 79 50.30 11.70 -26.06
CA SER B 79 49.58 10.56 -25.50
C SER B 79 48.09 10.85 -25.37
N SER B 80 47.50 11.34 -26.46
CA SER B 80 46.10 11.69 -26.45
C SER B 80 45.50 11.47 -27.84
N VAL B 81 44.20 11.24 -27.87
CA VAL B 81 43.42 11.12 -29.09
C VAL B 81 42.37 12.21 -29.06
N TYR B 82 41.99 12.68 -30.24
CA TYR B 82 41.07 13.81 -30.36
C TYR B 82 39.89 13.45 -31.24
N LEU B 83 38.77 14.13 -31.00
CA LEU B 83 37.57 14.01 -31.83
C LEU B 83 37.09 15.42 -32.16
N GLN B 84 37.39 15.88 -33.37
CA GLN B 84 36.91 17.16 -33.86
C GLN B 84 35.55 16.95 -34.50
N MET B 85 34.52 17.59 -33.95
CA MET B 85 33.15 17.45 -34.43
C MET B 85 32.71 18.76 -35.08
N ASN B 86 32.17 18.66 -36.30
CA ASN B 86 31.70 19.82 -37.04
C ASN B 86 30.28 19.55 -37.54
N SER B 87 29.57 20.63 -37.86
CA SER B 87 28.19 20.55 -38.31
C SER B 87 27.35 19.75 -37.32
N LEU B 88 27.53 20.07 -36.04
CA LEU B 88 26.88 19.30 -34.99
C LEU B 88 25.37 19.43 -35.07
N ARG B 89 24.69 18.33 -34.81
CA ARG B 89 23.23 18.26 -34.79
C ARG B 89 22.77 17.78 -33.43
N ALA B 90 21.46 17.91 -33.20
CA ALA B 90 20.87 17.36 -31.97
C ALA B 90 20.99 15.85 -31.84
N GLU B 91 20.84 15.05 -32.90
CA GLU B 91 21.48 13.73 -32.83
C GLU B 91 22.66 13.71 -31.88
N ASP B 92 23.64 14.56 -32.19
CA ASP B 92 24.97 14.25 -31.66
C ASP B 92 25.04 14.48 -30.17
N THR B 93 23.92 14.76 -29.52
CA THR B 93 23.90 14.96 -28.08
C THR B 93 24.06 13.64 -27.35
N GLY B 94 24.91 13.63 -26.33
CA GLY B 94 25.10 12.43 -25.53
C GLY B 94 26.39 12.49 -24.74
N ILE B 95 26.63 11.41 -24.01
CA ILE B 95 27.88 11.23 -23.27
C ILE B 95 28.86 10.49 -24.17
N TYR B 96 30.04 11.07 -24.37
CA TYR B 96 31.06 10.50 -25.24
C TYR B 96 32.15 9.84 -24.42
N TYR B 97 32.48 8.59 -24.75
CA TYR B 97 33.46 7.81 -24.02
C TYR B 97 34.71 7.55 -24.87
N CYS B 98 35.87 7.68 -24.24
CA CYS B 98 37.14 7.25 -24.81
C CYS B 98 37.46 5.85 -24.29
N SER B 99 37.92 4.96 -25.17
CA SER B 99 38.20 3.60 -24.76
C SER B 99 39.28 2.98 -25.64
N ARG B 100 40.07 2.10 -25.02
CA ARG B 100 41.14 1.38 -25.68
C ARG B 100 40.70 -0.05 -25.94
N SER B 101 41.04 -0.57 -27.11
CA SER B 101 40.76 -1.95 -27.47
C SER B 101 41.99 -2.81 -27.24
N THR B 102 41.75 -4.12 -27.15
CA THR B 102 42.80 -5.09 -26.86
C THR B 102 43.52 -5.58 -28.10
N MET B 103 43.26 -4.97 -29.25
CA MET B 103 43.84 -5.40 -30.51
C MET B 103 45.13 -4.65 -30.77
N ILE B 104 46.21 -5.41 -30.96
CA ILE B 104 47.56 -4.89 -31.21
C ILE B 104 47.85 -4.96 -32.70
N THR B 105 47.37 -6.02 -33.36
CA THR B 105 47.63 -6.29 -34.77
C THR B 105 46.32 -6.24 -35.54
N THR B 106 46.43 -6.37 -36.86
CA THR B 106 45.27 -6.27 -37.75
C THR B 106 44.06 -7.05 -37.25
N ARG B 107 44.28 -8.36 -36.96
CA ARG B 107 43.33 -9.29 -36.35
C ARG B 107 43.93 -10.06 -35.15
N ASP B 108 44.07 -9.36 -34.02
CA ASP B 108 44.56 -9.98 -32.80
C ASP B 108 43.42 -10.72 -32.10
N PRO B 109 43.44 -12.05 -32.08
CA PRO B 109 42.41 -12.78 -31.33
C PRO B 109 42.28 -12.22 -29.93
N SER B 110 41.03 -12.03 -29.48
CA SER B 110 40.69 -11.38 -28.22
C SER B 110 40.35 -9.92 -28.46
N ARG B 111 39.09 -9.62 -28.79
CA ARG B 111 38.66 -8.24 -29.02
C ARG B 111 37.70 -7.80 -27.93
N TYR B 112 38.01 -6.68 -27.29
CA TYR B 112 37.03 -5.99 -26.45
C TYR B 112 37.62 -4.66 -25.98
N PHE B 113 36.74 -3.73 -25.65
CA PHE B 113 37.13 -2.47 -25.03
C PHE B 113 37.43 -2.75 -23.57
N ASP B 114 38.71 -2.74 -23.21
CA ASP B 114 39.12 -3.16 -21.88
C ASP B 114 39.22 -2.03 -20.86
N VAL B 115 39.39 -0.78 -21.31
CA VAL B 115 39.53 0.36 -20.41
C VAL B 115 38.62 1.47 -20.95
N TRP B 116 37.85 2.08 -20.05
CA TRP B 116 36.96 3.16 -20.45
C TRP B 116 37.31 4.43 -19.68
N GLY B 117 36.87 5.56 -20.22
CA GLY B 117 36.96 6.83 -19.53
C GLY B 117 35.65 7.19 -18.85
N ALA B 118 35.72 8.10 -17.88
CA ALA B 118 34.51 8.52 -17.17
C ALA B 118 33.46 9.04 -18.14
N GLY B 119 33.87 9.66 -19.22
CA GLY B 119 32.95 10.21 -20.19
C GLY B 119 32.90 11.73 -20.11
N THR B 120 32.52 12.34 -21.24
CA THR B 120 32.34 13.79 -21.32
C THR B 120 30.99 14.05 -21.96
N THR B 121 30.20 14.92 -21.33
CA THR B 121 28.87 15.21 -21.84
C THR B 121 28.93 16.25 -22.96
N VAL B 122 28.16 16.01 -24.02
CA VAL B 122 28.06 16.93 -25.14
C VAL B 122 26.59 17.24 -25.35
N THR B 123 26.26 18.54 -25.36
CA THR B 123 24.89 19.00 -25.52
C THR B 123 24.84 19.93 -26.73
N VAL B 124 24.00 19.58 -27.70
CA VAL B 124 23.87 20.36 -28.93
C VAL B 124 22.48 20.98 -28.87
N SER B 125 22.40 22.31 -28.74
CA SER B 125 21.11 22.95 -28.61
C SER B 125 21.22 24.44 -28.90
N SER B 126 20.12 25.03 -29.33
CA SER B 126 20.07 26.47 -29.62
C SER B 126 19.61 27.31 -28.43
N ALA B 127 19.04 26.68 -27.41
CA ALA B 127 18.57 27.42 -26.24
C ALA B 127 19.75 27.93 -25.43
N SER B 128 19.62 29.15 -24.91
CA SER B 128 20.67 29.76 -24.10
C SER B 128 20.66 29.16 -22.69
N THR B 129 21.74 29.40 -21.97
CA THR B 129 21.86 28.88 -20.62
C THR B 129 20.92 29.62 -19.67
N LYS B 130 20.62 29.00 -18.54
CA LYS B 130 19.77 29.63 -17.54
C LYS B 130 19.91 28.96 -16.19
N GLY B 131 20.08 29.78 -15.15
CA GLY B 131 20.11 29.31 -13.79
C GLY B 131 18.74 28.89 -13.30
N PRO B 132 18.70 28.02 -12.30
CA PRO B 132 17.42 27.52 -11.80
C PRO B 132 16.79 28.47 -10.79
N SER B 133 15.46 28.46 -10.78
CA SER B 133 14.66 29.07 -9.72
C SER B 133 14.29 27.99 -8.72
N VAL B 134 14.74 28.13 -7.48
CA VAL B 134 14.59 27.09 -6.47
C VAL B 134 13.43 27.46 -5.56
N PHE B 135 12.37 26.66 -5.60
CA PHE B 135 11.16 26.86 -4.81
C PHE B 135 11.02 25.74 -3.78
N PRO B 136 10.48 26.05 -2.60
CA PRO B 136 10.42 25.05 -1.54
C PRO B 136 9.20 24.15 -1.67
N LEU B 137 9.37 22.92 -1.17
CA LEU B 137 8.28 21.95 -1.01
C LEU B 137 8.09 21.76 0.48
N ALA B 138 7.12 22.50 1.06
CA ALA B 138 6.97 22.51 2.51
C ALA B 138 5.94 21.49 2.97
N PRO B 139 6.14 20.89 4.15
CA PRO B 139 5.16 19.94 4.69
C PRO B 139 3.82 20.61 5.00
N GLY B 147 4.64 10.10 12.26
CA GLY B 147 5.50 8.97 11.98
C GLY B 147 6.68 9.33 11.09
N THR B 148 6.38 9.70 9.85
CA THR B 148 7.41 10.09 8.90
C THR B 148 6.87 11.18 8.00
N ALA B 149 7.63 12.26 7.85
CA ALA B 149 7.26 13.41 7.04
C ALA B 149 8.15 13.49 5.80
N ALA B 150 7.79 14.40 4.90
CA ALA B 150 8.52 14.58 3.66
C ALA B 150 8.55 16.05 3.27
N LEU B 151 9.67 16.49 2.73
CA LEU B 151 9.86 17.85 2.28
C LEU B 151 11.00 17.88 1.28
N GLY B 152 11.00 18.91 0.44
CA GLY B 152 12.03 19.01 -0.59
C GLY B 152 12.10 20.34 -1.29
N CYS B 153 12.56 20.32 -2.54
CA CYS B 153 12.75 21.55 -3.31
C CYS B 153 12.30 21.32 -4.74
N LEU B 154 11.93 22.42 -5.40
CA LEU B 154 11.55 22.42 -6.81
C LEU B 154 12.58 23.27 -7.54
N VAL B 155 13.51 22.61 -8.23
CA VAL B 155 14.53 23.29 -9.03
C VAL B 155 13.95 23.45 -10.43
N LYS B 156 13.47 24.65 -10.75
CA LYS B 156 12.63 24.87 -11.92
C LYS B 156 13.32 25.75 -12.95
N ASP B 157 13.11 25.39 -14.22
CA ASP B 157 13.56 26.17 -15.37
C ASP B 157 15.05 26.47 -15.32
N TYR B 158 15.87 25.49 -15.73
CA TYR B 158 17.29 25.70 -15.92
C TYR B 158 17.71 25.00 -17.20
N PHE B 159 18.86 25.41 -17.74
CA PHE B 159 19.39 24.83 -18.97
C PHE B 159 20.85 25.21 -19.10
N PRO B 160 21.74 24.30 -19.52
CA PRO B 160 21.46 22.88 -19.79
C PRO B 160 21.60 22.02 -18.52
N GLU B 161 21.63 20.70 -18.70
CA GLU B 161 22.01 19.81 -17.62
C GLU B 161 23.53 19.85 -17.44
N PRO B 162 24.04 19.47 -16.26
CA PRO B 162 23.27 19.01 -15.09
C PRO B 162 23.17 20.06 -13.98
N VAL B 163 22.22 19.90 -13.07
CA VAL B 163 22.20 20.65 -11.81
C VAL B 163 22.45 19.62 -10.70
N THR B 164 23.21 20.00 -9.68
CA THR B 164 23.56 19.10 -8.59
C THR B 164 22.91 19.60 -7.30
N VAL B 165 22.30 18.68 -6.55
CA VAL B 165 21.53 19.03 -5.36
C VAL B 165 22.09 18.27 -4.17
N SER B 166 22.30 18.99 -3.06
CA SER B 166 22.70 18.41 -1.79
C SER B 166 21.88 19.07 -0.69
N TRP B 167 21.81 18.41 0.46
CA TRP B 167 21.01 18.86 1.58
C TRP B 167 21.90 19.14 2.77
N ASN B 168 21.80 20.36 3.30
CA ASN B 168 22.65 20.80 4.41
C ASN B 168 24.12 20.59 4.07
N SER B 169 24.46 20.73 2.79
CA SER B 169 25.83 20.53 2.33
C SER B 169 26.28 19.10 2.61
N GLY B 170 25.81 18.15 1.80
CA GLY B 170 26.25 16.77 1.90
C GLY B 170 26.03 16.13 3.25
N ALA B 171 25.06 16.62 4.04
CA ALA B 171 24.85 16.13 5.39
C ALA B 171 23.68 15.16 5.50
N LEU B 172 22.86 15.03 4.46
CA LEU B 172 21.71 14.13 4.47
C LEU B 172 21.97 12.99 3.50
N THR B 173 21.77 11.75 3.97
CA THR B 173 22.05 10.57 3.16
C THR B 173 20.81 9.71 2.98
N SER B 174 20.30 9.09 4.03
CA SER B 174 19.16 8.19 3.90
C SER B 174 17.88 8.97 3.60
N GLY B 175 17.03 8.37 2.78
CA GLY B 175 15.75 8.96 2.44
C GLY B 175 15.80 10.03 1.38
N VAL B 176 16.99 10.54 1.04
CA VAL B 176 17.08 11.58 0.03
C VAL B 176 16.86 10.97 -1.35
N HIS B 177 15.93 11.54 -2.10
CA HIS B 177 15.63 11.10 -3.47
C HIS B 177 15.64 12.32 -4.37
N THR B 178 16.59 12.37 -5.30
CA THR B 178 16.67 13.42 -6.30
C THR B 178 16.25 12.82 -7.63
N PHE B 179 15.10 13.26 -8.15
CA PHE B 179 14.53 12.65 -9.33
C PHE B 179 15.25 13.14 -10.60
N PRO B 180 15.29 12.31 -11.64
CA PRO B 180 15.94 12.74 -12.89
C PRO B 180 15.27 13.97 -13.47
N ALA B 181 16.06 14.79 -14.16
CA ALA B 181 15.55 16.01 -14.76
C ALA B 181 14.62 15.68 -15.93
N VAL B 182 13.50 16.40 -16.02
CA VAL B 182 12.53 16.23 -17.08
C VAL B 182 12.46 17.52 -17.89
N LEU B 183 12.44 17.40 -19.21
CA LEU B 183 12.29 18.56 -20.08
C LEU B 183 10.82 18.98 -20.12
N GLN B 184 10.60 20.28 -20.04
CA GLN B 184 9.25 20.85 -20.04
C GLN B 184 8.88 21.37 -21.43
N SER B 185 7.60 21.70 -21.58
CA SER B 185 7.11 22.19 -22.86
C SER B 185 7.82 23.47 -23.29
N SER B 186 8.23 24.30 -22.34
CA SER B 186 8.97 25.52 -22.66
C SER B 186 10.38 25.23 -23.16
N GLY B 187 10.81 23.97 -23.13
CA GLY B 187 12.16 23.61 -23.48
C GLY B 187 13.16 23.78 -22.36
N LEU B 188 12.70 23.92 -21.12
CA LEU B 188 13.57 24.14 -19.97
C LEU B 188 13.44 22.93 -19.06
N TYR B 189 14.47 22.61 -18.29
CA TYR B 189 14.43 21.49 -17.36
C TYR B 189 13.97 21.97 -15.98
N SER B 190 13.21 21.13 -15.27
CA SER B 190 13.16 21.29 -13.82
C SER B 190 13.65 20.01 -13.16
N LEU B 191 13.50 19.93 -11.83
CA LEU B 191 13.94 18.78 -11.05
C LEU B 191 13.42 18.88 -9.62
N SER B 192 13.20 17.75 -8.96
CA SER B 192 12.73 17.73 -7.59
C SER B 192 13.64 16.85 -6.75
N SER B 193 14.10 17.37 -5.62
CA SER B 193 14.82 16.60 -4.62
C SER B 193 13.99 16.61 -3.34
N VAL B 194 13.69 15.43 -2.81
CA VAL B 194 12.87 15.30 -1.62
C VAL B 194 13.61 14.45 -0.60
N VAL B 195 13.41 14.76 0.67
CA VAL B 195 14.01 14.03 1.78
C VAL B 195 12.89 13.56 2.72
N THR B 196 12.99 12.31 3.17
CA THR B 196 12.02 11.72 4.09
C THR B 196 12.65 11.68 5.47
N VAL B 197 12.06 12.43 6.42
CA VAL B 197 12.66 12.61 7.74
C VAL B 197 11.68 12.04 8.75
N PRO B 198 12.13 11.58 9.93
CA PRO B 198 11.16 11.28 10.99
C PRO B 198 10.34 12.51 11.36
N SER B 199 9.04 12.30 11.63
CA SER B 199 8.15 13.42 11.90
C SER B 199 8.58 14.22 13.13
N SER B 200 9.44 13.66 13.98
CA SER B 200 9.90 14.34 15.19
C SER B 200 11.23 15.03 14.94
N SER B 201 11.22 15.98 13.99
CA SER B 201 12.42 16.72 13.65
C SER B 201 12.10 17.88 12.70
N LEU B 202 10.83 18.23 12.59
CA LEU B 202 10.38 19.25 11.65
C LEU B 202 10.46 20.62 12.29
N GLY B 203 11.14 21.53 11.64
CA GLY B 203 11.28 22.89 12.12
C GLY B 203 12.41 23.10 13.09
N THR B 204 12.46 22.29 14.15
CA THR B 204 13.55 22.42 15.11
C THR B 204 14.91 22.25 14.43
N GLN B 205 15.01 21.30 13.51
CA GLN B 205 16.22 21.12 12.70
C GLN B 205 16.02 21.81 11.37
N THR B 206 17.00 22.63 10.99
CA THR B 206 16.92 23.39 9.75
C THR B 206 17.41 22.54 8.58
N TYR B 207 16.59 22.46 7.53
CA TYR B 207 16.90 21.70 6.32
C TYR B 207 17.19 22.69 5.20
N ILE B 208 18.44 22.73 4.77
CA ILE B 208 18.90 23.66 3.75
C ILE B 208 19.12 22.90 2.45
N CYS B 209 18.84 23.57 1.34
CA CYS B 209 18.79 22.96 0.01
C CYS B 209 19.88 23.56 -0.85
N ASN B 210 20.93 22.79 -1.12
CA ASN B 210 22.11 23.26 -1.82
C ASN B 210 21.98 22.95 -3.31
N VAL B 211 21.56 23.95 -4.07
CA VAL B 211 21.47 23.84 -5.53
C VAL B 211 22.69 24.51 -6.14
N ASN B 212 23.21 23.93 -7.22
CA ASN B 212 24.41 24.42 -7.88
C ASN B 212 24.33 24.07 -9.35
N HIS B 213 24.41 25.08 -10.21
CA HIS B 213 24.33 24.94 -11.65
C HIS B 213 25.58 25.59 -12.25
N LYS B 214 26.61 24.79 -12.42
CA LYS B 214 27.88 25.28 -12.91
C LYS B 214 27.90 25.74 -14.37
N PRO B 215 27.00 25.25 -15.24
CA PRO B 215 26.94 25.86 -16.58
C PRO B 215 26.59 27.34 -16.55
N SER B 216 25.81 27.77 -15.56
CA SER B 216 25.38 29.17 -15.45
C SER B 216 26.02 29.87 -14.24
N ASN B 217 26.96 29.22 -13.56
CA ASN B 217 27.64 29.80 -12.41
C ASN B 217 26.63 30.22 -11.34
N THR B 218 25.66 29.36 -11.08
CA THR B 218 24.64 29.61 -10.06
C THR B 218 24.92 28.77 -8.83
N LYS B 219 24.74 29.38 -7.66
CA LYS B 219 24.90 28.69 -6.38
C LYS B 219 23.88 29.33 -5.43
N VAL B 220 22.72 28.68 -5.28
CA VAL B 220 21.62 29.22 -4.50
C VAL B 220 21.16 28.17 -3.51
N ASP B 221 20.94 28.59 -2.26
CA ASP B 221 20.45 27.72 -1.20
C ASP B 221 19.17 28.33 -0.64
N LYS B 222 18.13 27.53 -0.51
CA LYS B 222 16.87 28.00 0.05
C LYS B 222 16.44 27.13 1.22
N LYS B 223 16.00 27.77 2.29
CA LYS B 223 15.53 27.04 3.45
C LYS B 223 14.12 26.50 3.14
N VAL B 224 13.84 25.29 3.61
CA VAL B 224 12.48 24.76 3.53
C VAL B 224 11.91 24.77 4.95
N GLU B 225 10.80 25.48 5.12
CA GLU B 225 10.16 25.64 6.42
C GLU B 225 8.68 25.27 6.34
N PRO B 226 8.17 24.53 7.33
CA PRO B 226 6.73 24.20 7.32
C PRO B 226 5.87 25.40 7.69
N ASP C 1 -1.00 -12.86 39.56
CA ASP C 1 -1.68 -12.64 38.24
C ASP C 1 -0.93 -11.61 37.42
N ILE C 2 -1.17 -11.61 36.11
CA ILE C 2 -0.53 -10.69 35.18
C ILE C 2 -1.59 -9.81 34.54
N GLN C 3 -1.21 -8.56 34.27
CA GLN C 3 -2.11 -7.57 33.69
C GLN C 3 -1.53 -7.06 32.38
N MET C 4 -2.42 -6.62 31.49
CA MET C 4 -2.02 -6.07 30.21
C MET C 4 -3.01 -5.00 29.81
N THR C 5 -2.51 -3.79 29.57
CA THR C 5 -3.34 -2.64 29.24
C THR C 5 -2.99 -2.17 27.83
N GLN C 6 -3.98 -2.19 26.95
CA GLN C 6 -3.85 -1.73 25.57
C GLN C 6 -4.34 -0.29 25.45
N SER C 7 -3.70 0.47 24.56
CA SER C 7 -4.06 1.87 24.39
C SER C 7 -3.71 2.41 23.02
N PRO C 8 -4.53 3.31 22.46
CA PRO C 8 -5.82 3.74 23.01
C PRO C 8 -6.95 2.75 22.66
N THR C 9 -8.11 2.89 23.32
CA THR C 9 -9.18 1.92 23.10
C THR C 9 -9.87 2.11 21.75
N SER C 10 -9.68 3.27 21.11
CA SER C 10 -10.33 3.52 19.83
C SER C 10 -9.55 4.58 19.08
N LEU C 11 -9.42 4.41 17.77
CA LEU C 11 -8.76 5.39 16.93
C LEU C 11 -9.57 5.62 15.65
N SER C 12 -9.65 6.87 15.23
CA SER C 12 -10.17 7.25 13.92
C SER C 12 -9.01 7.78 13.08
N ALA C 13 -8.72 7.11 11.97
CA ALA C 13 -7.60 7.46 11.11
C ALA C 13 -8.02 7.46 9.65
N SER C 14 -7.37 8.30 8.86
CA SER C 14 -7.64 8.38 7.43
C SER C 14 -6.74 7.40 6.67
N VAL C 15 -7.18 7.06 5.46
CA VAL C 15 -6.37 6.19 4.62
C VAL C 15 -5.04 6.88 4.31
N GLY C 16 -3.97 6.11 4.36
CA GLY C 16 -2.65 6.65 4.12
C GLY C 16 -1.92 7.15 5.35
N GLU C 17 -2.55 7.12 6.51
CA GLU C 17 -1.92 7.51 7.75
C GLU C 17 -1.17 6.33 8.36
N THR C 18 -0.19 6.63 9.20
CA THR C 18 0.60 5.61 9.90
C THR C 18 0.19 5.54 11.37
N VAL C 19 -0.66 4.58 11.76
CA VAL C 19 -1.21 4.59 13.12
C VAL C 19 -0.19 3.97 14.07
N THR C 20 -0.41 4.09 15.39
CA THR C 20 0.41 3.36 16.35
C THR C 20 -0.44 2.94 17.54
N ILE C 21 -0.26 1.70 18.00
CA ILE C 21 -1.00 1.14 19.14
C ILE C 21 0.01 0.61 20.14
N THR C 22 -0.21 0.91 21.41
CA THR C 22 0.69 0.51 22.49
C THR C 22 0.04 -0.57 23.34
N CYS C 23 0.85 -1.54 23.76
CA CYS C 23 0.43 -2.61 24.67
C CYS C 23 1.43 -2.67 25.80
N ARG C 24 0.97 -2.38 27.02
CA ARG C 24 1.83 -2.23 28.20
C ARG C 24 1.44 -3.29 29.22
N THR C 25 2.44 -4.01 29.72
CA THR C 25 2.22 -5.13 30.62
C THR C 25 2.83 -4.84 31.99
N SER C 26 2.34 -5.56 33.00
CA SER C 26 2.75 -5.34 34.38
C SER C 26 3.97 -6.14 34.79
N GLU C 27 4.43 -7.07 33.96
CA GLU C 27 5.65 -7.81 34.22
C GLU C 27 6.47 -7.90 32.94
N ASN C 28 7.79 -8.02 33.11
CA ASN C 28 8.66 -8.20 31.96
C ASN C 28 8.35 -9.51 31.25
N ILE C 29 7.70 -9.44 30.10
CA ILE C 29 7.38 -10.64 29.32
C ILE C 29 8.48 -10.86 28.28
N HIS C 30 9.59 -10.14 28.43
CA HIS C 30 10.73 -10.26 27.53
C HIS C 30 10.36 -9.85 26.11
N ASN C 31 9.99 -10.80 25.26
CA ASN C 31 9.57 -10.46 23.90
C ASN C 31 8.44 -11.35 23.40
N PHE C 32 7.80 -12.12 24.26
CA PHE C 32 6.74 -13.04 23.86
C PHE C 32 5.41 -12.30 23.90
N LEU C 33 5.17 -11.52 22.85
CA LEU C 33 3.92 -10.77 22.68
C LEU C 33 3.53 -10.85 21.22
N THR C 34 2.26 -11.18 20.96
CA THR C 34 1.74 -11.29 19.61
C THR C 34 0.53 -10.39 19.45
N TRP C 35 0.31 -9.92 18.22
CA TRP C 35 -0.80 -9.05 17.89
C TRP C 35 -1.75 -9.77 16.95
N TYR C 36 -3.05 -9.65 17.22
CA TYR C 36 -4.08 -10.21 16.34
C TYR C 36 -4.95 -9.09 15.79
N GLN C 37 -5.57 -9.35 14.64
CA GLN C 37 -6.58 -8.47 14.07
C GLN C 37 -7.86 -9.26 13.88
N GLN C 38 -8.98 -8.69 14.34
CA GLN C 38 -10.29 -9.32 14.22
C GLN C 38 -11.28 -8.32 13.64
N LYS C 39 -12.10 -8.78 12.70
CA LYS C 39 -13.04 -7.90 12.01
C LYS C 39 -14.45 -8.13 12.53
N GLN C 40 -15.44 -8.09 11.63
CA GLN C 40 -16.83 -8.23 12.04
C GLN C 40 -17.22 -9.70 12.00
N GLY C 41 -17.63 -10.23 13.15
CA GLY C 41 -18.13 -11.59 13.20
C GLY C 41 -17.21 -12.65 12.64
N LYS C 42 -15.91 -12.37 12.55
CA LYS C 42 -14.93 -13.32 12.07
C LYS C 42 -13.91 -13.59 13.18
N SER C 43 -13.11 -14.64 12.99
CA SER C 43 -12.13 -15.02 13.99
C SER C 43 -10.90 -14.13 13.89
N PRO C 44 -10.17 -13.94 15.00
CA PRO C 44 -8.96 -13.13 14.95
C PRO C 44 -7.87 -13.80 14.13
N GLN C 45 -7.01 -12.96 13.55
CA GLN C 45 -5.90 -13.43 12.72
C GLN C 45 -4.60 -12.84 13.21
N VAL C 46 -3.56 -13.67 13.26
CA VAL C 46 -2.26 -13.22 13.74
C VAL C 46 -1.63 -12.29 12.71
N LEU C 47 -0.85 -11.33 13.20
CA LEU C 47 -0.15 -10.37 12.36
C LEU C 47 1.28 -10.10 12.79
N VAL C 48 1.62 -10.23 14.07
CA VAL C 48 2.99 -10.04 14.56
C VAL C 48 3.17 -10.97 15.75
N TYR C 49 4.31 -11.67 15.80
CA TYR C 49 4.66 -12.49 16.95
C TYR C 49 6.11 -12.20 17.33
N ASN C 50 6.48 -12.59 18.55
CA ASN C 50 7.77 -12.22 19.12
C ASN C 50 7.95 -10.71 19.10
N ALA C 51 6.83 -9.99 19.17
CA ALA C 51 6.81 -8.54 19.31
C ALA C 51 7.19 -7.81 18.04
N LYS C 52 7.69 -8.52 17.04
CA LYS C 52 8.19 -7.81 15.86
C LYS C 52 8.16 -8.63 14.58
N THR C 53 7.95 -9.93 14.68
CA THR C 53 8.06 -10.82 13.53
C THR C 53 6.70 -10.92 12.84
N LEU C 54 6.71 -10.69 11.54
CA LEU C 54 5.51 -10.84 10.75
C LEU C 54 5.38 -12.30 10.29
N PRO C 55 4.25 -12.94 10.56
CA PRO C 55 4.01 -14.26 9.96
C PRO C 55 4.13 -14.23 8.44
N ASP C 56 3.83 -15.38 7.88
CA ASP C 56 3.92 -15.67 6.46
C ASP C 56 2.67 -15.14 5.77
N GLY C 57 2.86 -14.24 4.81
CA GLY C 57 1.70 -13.74 4.12
C GLY C 57 0.95 -12.64 4.84
N VAL C 58 1.66 -11.86 5.64
CA VAL C 58 1.13 -10.71 6.35
C VAL C 58 1.70 -9.47 5.68
N PRO C 59 0.88 -8.44 5.39
CA PRO C 59 1.41 -7.25 4.73
C PRO C 59 2.54 -6.62 5.53
N SER C 60 3.59 -6.18 4.82
CA SER C 60 4.78 -5.65 5.46
C SER C 60 4.58 -4.24 6.04
N ARG C 61 3.47 -3.58 5.71
CA ARG C 61 3.19 -2.29 6.32
C ARG C 61 2.91 -2.40 7.82
N PHE C 62 2.69 -3.61 8.33
CA PHE C 62 2.62 -3.84 9.77
C PHE C 62 4.03 -4.02 10.33
N SER C 63 4.26 -3.50 11.52
CA SER C 63 5.57 -3.63 12.15
C SER C 63 5.40 -3.55 13.67
N GLY C 64 6.25 -4.27 14.38
CA GLY C 64 6.22 -4.28 15.82
C GLY C 64 7.50 -3.73 16.44
N SER C 65 7.44 -3.37 17.70
CA SER C 65 8.60 -2.82 18.39
C SER C 65 8.36 -2.90 19.90
N GLY C 66 9.39 -2.56 20.65
CA GLY C 66 9.32 -2.55 22.10
C GLY C 66 10.16 -3.66 22.72
N SER C 67 10.17 -3.65 24.04
CA SER C 67 10.91 -4.63 24.82
C SER C 67 10.47 -4.52 26.27
N GLY C 68 10.83 -5.52 27.06
CA GLY C 68 10.54 -5.51 28.47
C GLY C 68 9.06 -5.48 28.79
N THR C 69 8.53 -4.30 29.11
CA THR C 69 7.14 -4.15 29.49
C THR C 69 6.32 -3.31 28.54
N GLN C 70 6.95 -2.60 27.59
CA GLN C 70 6.24 -1.72 26.67
C GLN C 70 6.45 -2.20 25.24
N TYR C 71 5.36 -2.35 24.50
CA TYR C 71 5.42 -2.80 23.12
C TYR C 71 4.45 -1.97 22.29
N SER C 72 4.71 -1.94 20.98
CA SER C 72 3.94 -1.08 20.08
C SER C 72 3.74 -1.76 18.74
N LEU C 73 2.52 -1.67 18.22
CA LEU C 73 2.19 -2.03 16.86
C LEU C 73 1.89 -0.74 16.09
N LYS C 74 2.60 -0.53 14.99
CA LYS C 74 2.42 0.66 14.16
C LYS C 74 2.16 0.22 12.73
N ILE C 75 1.08 0.71 12.14
CA ILE C 75 0.68 0.32 10.78
C ILE C 75 0.97 1.51 9.89
N ASN C 76 2.08 1.51 9.16
CA ASN C 76 2.32 2.57 8.18
C ASN C 76 1.31 2.50 7.03
N SER C 77 0.98 3.67 6.48
CA SER C 77 0.04 3.82 5.36
C SER C 77 -1.12 2.84 5.43
N LEU C 78 -2.31 3.34 5.76
CA LEU C 78 -3.44 2.51 6.13
C LEU C 78 -4.34 2.24 4.92
N GLN C 79 -4.90 1.05 4.89
CA GLN C 79 -5.80 0.59 3.85
C GLN C 79 -7.24 0.68 4.34
N PRO C 80 -8.20 0.51 3.43
CA PRO C 80 -9.61 0.39 3.85
C PRO C 80 -9.95 -0.97 4.46
N GLU C 81 -9.05 -1.95 4.38
CA GLU C 81 -9.27 -3.28 4.93
C GLU C 81 -8.35 -3.58 6.11
N ASP C 82 -7.82 -2.55 6.76
CA ASP C 82 -7.08 -2.71 7.99
C ASP C 82 -7.93 -2.38 9.22
N PHE C 83 -9.24 -2.24 9.04
CA PHE C 83 -10.13 -1.90 10.14
C PHE C 83 -10.43 -3.15 10.98
N GLY C 84 -11.00 -2.92 12.15
CA GLY C 84 -11.35 -3.98 13.08
C GLY C 84 -10.81 -3.67 14.45
N THR C 85 -10.70 -4.72 15.27
CA THR C 85 -10.19 -4.61 16.63
C THR C 85 -8.87 -5.34 16.73
N TYR C 86 -7.86 -4.67 17.28
CA TYR C 86 -6.53 -5.24 17.41
C TYR C 86 -6.30 -5.65 18.86
N TYR C 87 -5.80 -6.87 19.06
CA TYR C 87 -5.55 -7.44 20.38
C TYR C 87 -4.08 -7.84 20.50
N CYS C 88 -3.48 -7.51 21.64
CA CYS C 88 -2.16 -8.03 22.01
C CYS C 88 -2.33 -9.20 22.99
N GLN C 89 -1.40 -10.16 22.89
CA GLN C 89 -1.43 -11.33 23.77
C GLN C 89 0.01 -11.72 24.09
N HIS C 90 0.29 -11.96 25.36
CA HIS C 90 1.60 -12.38 25.83
C HIS C 90 1.65 -13.90 25.96
N PHE C 91 2.82 -14.46 25.66
CA PHE C 91 3.07 -15.89 25.78
C PHE C 91 4.26 -16.17 26.69
N TRP C 92 4.48 -15.29 27.67
CA TRP C 92 5.58 -15.48 28.62
C TRP C 92 5.34 -16.74 29.45
N SER C 93 4.22 -16.81 30.15
CA SER C 93 3.86 -17.96 30.94
C SER C 93 2.34 -17.97 31.13
N SER C 94 1.77 -19.16 31.21
CA SER C 94 0.33 -19.29 31.40
C SER C 94 -0.08 -18.59 32.70
N PRO C 95 -1.23 -17.90 32.71
CA PRO C 95 -2.22 -17.82 31.62
C PRO C 95 -1.83 -16.88 30.48
N TRP C 96 -2.26 -17.21 29.26
CA TRP C 96 -1.99 -16.40 28.09
C TRP C 96 -2.99 -15.26 28.05
N THR C 97 -2.68 -14.18 28.75
CA THR C 97 -3.64 -13.08 28.91
C THR C 97 -3.72 -12.23 27.65
N PHE C 98 -4.95 -11.89 27.26
CA PHE C 98 -5.19 -11.03 26.11
C PHE C 98 -5.22 -9.57 26.54
N GLY C 99 -5.19 -8.68 25.54
CA GLY C 99 -5.37 -7.27 25.78
C GLY C 99 -6.82 -6.85 25.73
N GLY C 100 -7.07 -5.61 26.14
CA GLY C 100 -8.43 -5.10 26.17
C GLY C 100 -9.03 -4.92 24.79
N GLY C 101 -8.21 -4.54 23.82
CA GLY C 101 -8.68 -4.33 22.47
C GLY C 101 -8.61 -2.87 22.06
N THR C 102 -8.51 -2.67 20.75
CA THR C 102 -8.43 -1.33 20.16
C THR C 102 -9.21 -1.37 18.85
N LYS C 103 -10.44 -0.83 18.80
CA LYS C 103 -11.13 -0.67 17.51
C LYS C 103 -10.45 0.42 16.71
N LEU C 104 -10.33 0.17 15.42
CA LEU C 104 -9.74 1.13 14.50
C LEU C 104 -10.79 1.49 13.46
N GLU C 105 -11.30 2.71 13.56
CA GLU C 105 -12.20 3.25 12.55
C GLU C 105 -11.42 3.91 11.42
N ILE C 106 -12.04 3.96 10.25
CA ILE C 106 -11.51 4.68 9.11
C ILE C 106 -12.09 6.09 9.09
N LYS C 107 -11.24 7.13 9.26
CA LYS C 107 -11.78 8.49 9.22
C LYS C 107 -12.18 8.80 7.79
N ARG C 108 -13.18 9.66 7.65
CA ARG C 108 -13.80 9.90 6.36
C ARG C 108 -14.32 11.33 6.31
N THR C 109 -14.82 11.71 5.14
CA THR C 109 -15.34 13.06 4.94
C THR C 109 -16.69 13.17 5.63
N VAL C 110 -17.06 14.37 6.05
CA VAL C 110 -18.36 14.53 6.68
C VAL C 110 -19.46 14.24 5.67
N ALA C 111 -20.44 13.43 6.07
CA ALA C 111 -21.58 13.12 5.22
C ALA C 111 -22.85 13.18 6.07
N ALA C 112 -23.87 13.95 5.58
CA ALA C 112 -25.09 14.14 6.34
C ALA C 112 -26.10 13.03 6.05
N PRO C 113 -26.91 12.65 7.03
CA PRO C 113 -27.88 11.56 6.80
C PRO C 113 -29.20 12.03 6.23
N SER C 114 -29.76 11.20 5.34
CA SER C 114 -31.15 11.35 4.91
C SER C 114 -32.04 10.70 5.96
N VAL C 115 -33.09 11.41 6.39
CA VAL C 115 -33.91 11.00 7.51
C VAL C 115 -35.24 10.47 6.99
N PHE C 116 -35.66 9.33 7.56
CA PHE C 116 -36.95 8.73 7.27
C PHE C 116 -37.67 8.48 8.60
N ILE C 117 -38.98 8.28 8.50
CA ILE C 117 -39.80 7.98 9.67
C ILE C 117 -40.89 7.01 9.26
N PHE C 118 -41.32 6.18 10.20
CA PHE C 118 -42.31 5.15 9.90
C PHE C 118 -43.36 5.08 11.02
N PRO C 119 -44.63 5.35 10.71
CA PRO C 119 -45.68 5.14 11.72
C PRO C 119 -45.84 3.67 12.04
N PRO C 120 -46.47 3.33 13.16
CA PRO C 120 -46.76 1.91 13.44
C PRO C 120 -47.69 1.32 12.39
N SER C 121 -47.57 0.01 12.17
CA SER C 121 -48.50 -0.74 11.34
C SER C 121 -49.68 -1.22 12.18
N ASP C 122 -50.88 -1.21 11.58
CA ASP C 122 -52.07 -1.64 12.30
C ASP C 122 -51.97 -3.06 12.83
N GLU C 123 -51.10 -3.90 12.21
CA GLU C 123 -50.72 -5.21 12.74
C GLU C 123 -50.22 -5.12 14.18
N GLN C 124 -49.44 -4.08 14.50
CA GLN C 124 -48.93 -3.92 15.86
C GLN C 124 -50.02 -3.38 16.78
N LEU C 125 -50.81 -2.43 16.28
CA LEU C 125 -51.79 -1.76 17.12
C LEU C 125 -52.77 -2.77 17.72
N LYS C 126 -53.28 -3.70 16.91
CA LYS C 126 -54.25 -4.65 17.40
C LYS C 126 -53.68 -5.56 18.49
N SER C 127 -52.36 -5.61 18.62
CA SER C 127 -51.70 -6.42 19.65
C SER C 127 -51.26 -5.59 20.84
N GLY C 128 -51.78 -4.37 20.98
CA GLY C 128 -51.51 -3.57 22.15
C GLY C 128 -50.15 -2.92 22.19
N THR C 129 -49.46 -2.85 21.07
CA THR C 129 -48.12 -2.28 21.01
C THR C 129 -48.02 -1.30 19.84
N ALA C 130 -47.07 -0.39 19.95
CA ALA C 130 -46.84 0.60 18.90
C ALA C 130 -45.36 0.96 18.89
N SER C 131 -44.75 0.93 17.71
CA SER C 131 -43.36 1.28 17.53
C SER C 131 -43.24 2.29 16.39
N VAL C 132 -42.51 3.37 16.63
CA VAL C 132 -42.21 4.37 15.61
C VAL C 132 -40.70 4.38 15.41
N VAL C 133 -40.26 4.31 14.16
CA VAL C 133 -38.85 4.12 13.83
C VAL C 133 -38.37 5.30 12.99
N CYS C 134 -37.24 5.87 13.39
CA CYS C 134 -36.56 6.92 12.64
C CYS C 134 -35.26 6.37 12.10
N LEU C 135 -35.05 6.50 10.79
CA LEU C 135 -33.88 5.94 10.13
C LEU C 135 -32.97 7.08 9.68
N LEU C 136 -31.71 7.01 10.12
CA LEU C 136 -30.64 7.86 9.61
C LEU C 136 -29.72 6.99 8.77
N ASN C 137 -29.55 7.34 7.49
CA ASN C 137 -28.87 6.48 6.53
C ASN C 137 -27.63 7.16 5.98
N ASN C 138 -26.51 6.42 6.02
CA ASN C 138 -25.27 6.82 5.35
C ASN C 138 -24.78 8.18 5.81
N PHE C 139 -24.07 8.22 6.94
CA PHE C 139 -23.53 9.46 7.46
C PHE C 139 -22.23 9.18 8.19
N TYR C 140 -21.37 10.20 8.25
CA TYR C 140 -20.12 10.19 9.00
C TYR C 140 -19.94 11.60 9.51
N PRO C 141 -19.49 11.79 10.76
CA PRO C 141 -19.10 10.77 11.74
C PRO C 141 -20.29 10.08 12.44
N ARG C 142 -19.97 9.18 13.37
CA ARG C 142 -21.01 8.36 14.00
C ARG C 142 -21.80 9.17 15.03
N GLU C 143 -21.14 10.06 15.75
CA GLU C 143 -21.81 10.81 16.81
C GLU C 143 -22.95 11.62 16.24
N ALA C 144 -24.17 11.32 16.66
CA ALA C 144 -25.34 12.04 16.18
C ALA C 144 -26.40 11.90 17.25
N LYS C 145 -27.15 12.95 17.51
CA LYS C 145 -28.18 12.82 18.51
C LYS C 145 -29.54 12.83 17.83
N VAL C 146 -30.51 12.09 18.40
CA VAL C 146 -31.87 11.99 17.88
C VAL C 146 -32.82 12.14 19.06
N GLN C 147 -33.70 13.13 19.00
CA GLN C 147 -34.68 13.37 20.06
C GLN C 147 -36.08 13.18 19.49
N TRP C 148 -36.91 12.48 20.25
CA TRP C 148 -38.29 12.28 19.87
C TRP C 148 -39.19 13.33 20.51
N LYS C 149 -40.20 13.76 19.77
CA LYS C 149 -41.17 14.74 20.25
C LYS C 149 -42.56 14.22 19.96
N VAL C 150 -43.38 14.13 21.00
CA VAL C 150 -44.78 13.69 20.90
C VAL C 150 -45.63 14.88 21.34
N ASP C 151 -46.36 15.46 20.41
CA ASP C 151 -47.09 16.70 20.66
C ASP C 151 -46.14 17.79 21.15
N ASN C 152 -44.94 17.79 20.59
CA ASN C 152 -43.85 18.71 20.89
C ASN C 152 -43.17 18.44 22.22
N ALA C 153 -43.64 17.48 23.00
CA ALA C 153 -43.02 17.16 24.27
C ALA C 153 -41.81 16.26 24.06
N LEU C 154 -40.66 16.68 24.57
CA LEU C 154 -39.43 15.89 24.40
C LEU C 154 -39.52 14.62 25.22
N GLN C 155 -39.50 13.47 24.54
CA GLN C 155 -39.54 12.19 25.22
C GLN C 155 -38.17 11.83 25.78
N SER C 156 -38.17 10.91 26.74
CA SER C 156 -36.93 10.53 27.41
C SER C 156 -36.68 9.03 27.29
N GLY C 157 -36.87 8.31 28.40
CA GLY C 157 -36.46 6.92 28.46
C GLY C 157 -37.41 5.93 27.82
N ASN C 158 -37.94 6.25 26.64
CA ASN C 158 -38.78 5.33 25.90
C ASN C 158 -38.28 5.08 24.48
N SER C 159 -37.15 5.64 24.08
CA SER C 159 -36.54 5.39 22.78
C SER C 159 -35.39 4.41 22.93
N GLN C 160 -34.86 3.96 21.79
CA GLN C 160 -33.79 2.98 21.78
C GLN C 160 -33.06 3.05 20.46
N GLU C 161 -31.74 3.23 20.50
CA GLU C 161 -30.93 3.49 19.33
C GLU C 161 -30.09 2.25 18.98
N SER C 162 -29.86 2.07 17.68
CA SER C 162 -29.02 1.00 17.17
C SER C 162 -28.23 1.53 15.99
N VAL C 163 -26.93 1.29 15.99
CA VAL C 163 -26.03 1.82 14.96
C VAL C 163 -25.37 0.65 14.23
N THR C 164 -25.21 0.80 12.92
CA THR C 164 -24.53 -0.19 12.11
C THR C 164 -23.03 0.06 12.13
N GLU C 165 -22.26 -1.00 12.40
CA GLU C 165 -20.81 -0.91 12.30
C GLU C 165 -20.41 -0.37 10.92
N GLN C 166 -19.24 0.26 10.87
CA GLN C 166 -18.86 1.03 9.70
C GLN C 166 -19.00 0.21 8.42
N ASP C 167 -19.34 0.90 7.34
CA ASP C 167 -19.62 0.29 6.05
C ASP C 167 -18.35 0.14 5.23
N SER C 168 -18.30 -0.93 4.45
CA SER C 168 -17.11 -1.22 3.65
C SER C 168 -17.03 -0.39 2.38
N LYS C 169 -18.16 0.10 1.89
CA LYS C 169 -18.18 0.81 0.61
C LYS C 169 -17.75 2.26 0.77
N ASP C 170 -18.52 3.04 1.53
CA ASP C 170 -18.28 4.47 1.67
C ASP C 170 -17.81 4.85 3.08
N SER C 171 -17.53 3.87 3.94
CA SER C 171 -17.04 4.12 5.29
C SER C 171 -18.07 4.85 6.14
N THR C 172 -19.33 4.81 5.76
CA THR C 172 -20.38 5.56 6.45
C THR C 172 -21.12 4.67 7.43
N TYR C 173 -21.90 5.31 8.30
CA TYR C 173 -22.71 4.64 9.30
C TYR C 173 -24.19 4.82 8.99
N SER C 174 -25.02 4.00 9.63
CA SER C 174 -26.46 4.16 9.59
C SER C 174 -27.00 3.90 10.99
N LEU C 175 -28.23 4.35 11.22
CA LEU C 175 -28.81 4.37 12.56
C LEU C 175 -30.32 4.27 12.48
N SER C 176 -30.90 3.59 13.47
CA SER C 176 -32.33 3.53 13.65
C SER C 176 -32.63 3.87 15.11
N SER C 177 -33.64 4.71 15.32
CA SER C 177 -34.16 5.01 16.64
C SER C 177 -35.61 4.55 16.67
N THR C 178 -35.95 3.68 17.62
CA THR C 178 -37.28 3.09 17.69
C THR C 178 -38.00 3.63 18.93
N LEU C 179 -39.15 4.24 18.71
CA LEU C 179 -39.97 4.78 19.79
C LEU C 179 -41.10 3.79 20.08
N THR C 180 -41.09 3.22 21.28
CA THR C 180 -42.08 2.24 21.69
C THR C 180 -43.05 2.88 22.68
N LEU C 181 -44.35 2.76 22.43
CA LEU C 181 -45.36 3.33 23.30
C LEU C 181 -46.37 2.24 23.63
N SER C 182 -47.25 2.53 24.60
CA SER C 182 -48.45 1.73 24.77
C SER C 182 -49.49 2.14 23.72
N LYS C 183 -50.29 1.17 23.27
CA LYS C 183 -51.27 1.47 22.23
C LYS C 183 -52.17 2.64 22.64
N ALA C 184 -52.62 2.66 23.90
CA ALA C 184 -53.44 3.75 24.38
C ALA C 184 -52.71 5.08 24.28
N ASP C 185 -51.50 5.13 24.81
CA ASP C 185 -50.72 6.35 24.77
C ASP C 185 -50.45 6.78 23.33
N TYR C 186 -50.39 5.83 22.40
CA TYR C 186 -50.09 6.19 21.02
C TYR C 186 -51.24 6.96 20.39
N GLU C 187 -52.44 6.39 20.42
CA GLU C 187 -53.60 7.00 19.79
C GLU C 187 -54.20 8.13 20.63
N LYS C 188 -53.59 8.46 21.77
CA LYS C 188 -53.98 9.65 22.51
C LYS C 188 -53.33 10.89 21.90
N HIS C 189 -52.03 10.83 21.64
CA HIS C 189 -51.32 11.93 21.00
C HIS C 189 -51.51 11.87 19.49
N LYS C 190 -51.20 12.98 18.83
CA LYS C 190 -51.43 13.13 17.40
C LYS C 190 -50.15 13.31 16.61
N VAL C 191 -49.25 14.18 17.07
CA VAL C 191 -48.03 14.53 16.34
C VAL C 191 -46.87 13.69 16.86
N TYR C 192 -46.04 13.20 15.95
CA TYR C 192 -44.88 12.39 16.29
C TYR C 192 -43.73 12.81 15.40
N ALA C 193 -42.71 13.44 15.98
CA ALA C 193 -41.61 13.99 15.21
C ALA C 193 -40.28 13.36 15.63
N CYS C 194 -39.33 13.40 14.70
CA CYS C 194 -37.96 12.92 14.91
C CYS C 194 -37.03 14.00 14.38
N GLU C 195 -36.41 14.76 15.28
CA GLU C 195 -35.45 15.79 14.92
C GLU C 195 -34.05 15.29 15.22
N VAL C 196 -33.14 15.46 14.26
CA VAL C 196 -31.78 14.93 14.35
C VAL C 196 -30.81 16.07 14.17
N THR C 197 -29.71 16.04 14.93
CA THR C 197 -28.65 17.02 14.78
C THR C 197 -27.36 16.29 14.39
N HIS C 198 -26.74 16.74 13.29
CA HIS C 198 -25.50 16.13 12.84
C HIS C 198 -24.56 17.23 12.35
N GLN C 199 -23.26 17.00 12.55
CA GLN C 199 -22.24 17.93 12.10
C GLN C 199 -22.29 18.20 10.61
N GLY C 200 -23.02 17.39 9.85
CA GLY C 200 -23.16 17.61 8.43
C GLY C 200 -24.43 18.33 8.01
N LEU C 201 -25.26 18.74 8.96
CA LEU C 201 -26.51 19.43 8.67
C LEU C 201 -26.43 20.84 9.24
N SER C 202 -26.68 21.84 8.40
CA SER C 202 -26.60 23.23 8.84
C SER C 202 -27.69 23.59 9.84
N SER C 203 -28.73 22.76 9.96
CA SER C 203 -29.78 22.98 10.94
C SER C 203 -30.47 21.65 11.18
N PRO C 204 -31.03 21.42 12.36
CA PRO C 204 -31.61 20.10 12.67
C PRO C 204 -32.72 19.75 11.70
N VAL C 205 -32.56 18.61 11.02
CA VAL C 205 -33.60 18.12 10.11
C VAL C 205 -34.67 17.42 10.93
N THR C 206 -35.93 17.79 10.69
CA THR C 206 -37.07 17.20 11.38
C THR C 206 -37.93 16.42 10.40
N LYS C 207 -38.32 15.21 10.79
CA LYS C 207 -39.26 14.39 10.04
C LYS C 207 -40.42 14.05 10.97
N SER C 208 -41.64 14.25 10.49
CA SER C 208 -42.81 14.06 11.35
C SER C 208 -43.98 13.52 10.55
N PHE C 209 -45.04 13.16 11.26
CA PHE C 209 -46.28 12.72 10.67
C PHE C 209 -47.39 12.94 11.67
N ASN C 210 -48.62 12.98 11.15
CA ASN C 210 -49.83 13.04 11.99
C ASN C 210 -50.54 11.69 11.90
N ARG C 211 -50.82 11.10 13.07
CA ARG C 211 -51.53 9.82 13.07
C ARG C 211 -52.91 9.96 12.47
N GLY C 212 -53.56 11.10 12.65
CA GLY C 212 -54.90 11.30 12.12
C GLY C 212 -54.94 12.16 10.87
N GLU C 213 -54.23 11.74 9.84
CA GLU C 213 -54.15 12.47 8.59
C GLU C 213 -53.43 11.58 7.59
N CYS C 214 -53.33 12.04 6.35
CA CYS C 214 -52.72 11.29 5.26
C CYS C 214 -53.17 9.83 5.26
N GLU D 1 -6.50 -26.63 4.23
CA GLU D 1 -7.26 -27.83 4.71
C GLU D 1 -7.20 -27.95 6.22
N VAL D 2 -6.23 -27.26 6.83
CA VAL D 2 -6.12 -27.25 8.29
C VAL D 2 -7.24 -26.35 8.82
N LYS D 3 -8.19 -26.94 9.54
CA LYS D 3 -9.36 -26.21 10.03
C LYS D 3 -9.81 -26.77 11.37
N LEU D 4 -10.69 -26.01 12.03
CA LEU D 4 -11.20 -26.33 13.34
C LEU D 4 -12.68 -26.05 13.37
N GLU D 5 -13.42 -26.96 14.00
CA GLU D 5 -14.88 -26.93 13.99
C GLU D 5 -15.35 -26.88 15.44
N GLU D 6 -16.23 -25.94 15.76
CA GLU D 6 -16.82 -26.01 17.09
C GLU D 6 -18.31 -26.38 16.99
N SER D 7 -18.82 -27.00 18.06
CA SER D 7 -20.23 -27.35 18.13
C SER D 7 -20.63 -27.51 19.60
N GLY D 8 -21.93 -27.73 19.83
CA GLY D 8 -22.43 -27.93 21.17
C GLY D 8 -22.94 -26.69 21.87
N GLY D 9 -22.95 -25.54 21.19
CA GLY D 9 -23.42 -24.32 21.79
C GLY D 9 -24.91 -24.12 21.64
N GLY D 10 -25.44 -23.22 22.45
CA GLY D 10 -26.87 -22.91 22.38
C GLY D 10 -27.31 -22.16 23.63
N LEU D 11 -28.60 -22.28 23.93
CA LEU D 11 -29.22 -21.62 25.06
C LEU D 11 -29.33 -22.60 26.22
N VAL D 12 -28.84 -22.19 27.39
CA VAL D 12 -28.80 -23.05 28.56
C VAL D 12 -29.21 -22.25 29.78
N GLN D 13 -29.73 -22.96 30.78
CA GLN D 13 -30.15 -22.32 32.02
C GLN D 13 -28.94 -21.90 32.85
N PRO D 14 -29.05 -20.80 33.60
CA PRO D 14 -28.00 -20.49 34.58
C PRO D 14 -27.84 -21.61 35.58
N GLY D 15 -26.59 -21.94 35.89
CA GLY D 15 -26.30 -23.10 36.71
C GLY D 15 -26.44 -24.42 36.00
N GLY D 16 -26.72 -24.41 34.69
CA GLY D 16 -26.83 -25.63 33.92
C GLY D 16 -25.48 -26.09 33.39
N SER D 17 -25.54 -27.14 32.58
CA SER D 17 -24.35 -27.77 32.03
C SER D 17 -24.38 -27.72 30.51
N MET D 18 -23.20 -27.73 29.91
CA MET D 18 -23.05 -27.71 28.46
C MET D 18 -21.66 -28.22 28.11
N LYS D 19 -21.56 -28.90 26.98
CA LYS D 19 -20.32 -29.52 26.53
C LYS D 19 -20.01 -29.06 25.11
N LEU D 20 -18.88 -28.40 24.93
CA LEU D 20 -18.43 -27.95 23.63
C LEU D 20 -17.42 -28.94 23.07
N SER D 21 -17.53 -29.23 21.78
CA SER D 21 -16.62 -30.11 21.06
C SER D 21 -15.91 -29.33 19.97
N CYS D 22 -14.69 -29.76 19.64
CA CYS D 22 -13.89 -29.11 18.60
C CYS D 22 -13.14 -30.20 17.84
N ALA D 23 -13.69 -30.60 16.69
CA ALA D 23 -13.03 -31.57 15.83
C ALA D 23 -11.93 -30.90 15.03
N ALA D 24 -10.79 -31.57 14.91
CA ALA D 24 -9.64 -31.07 14.18
C ALA D 24 -9.40 -31.95 12.96
N SER D 25 -9.11 -31.30 11.82
CA SER D 25 -8.80 -32.01 10.59
C SER D 25 -7.63 -31.33 9.90
N GLY D 26 -6.87 -32.13 9.15
CA GLY D 26 -5.82 -31.63 8.29
C GLY D 26 -4.44 -31.57 8.92
N PHE D 27 -4.31 -31.86 10.21
CA PHE D 27 -3.02 -31.90 10.87
C PHE D 27 -3.03 -33.04 11.88
N THR D 28 -1.84 -33.42 12.35
CA THR D 28 -1.68 -34.43 13.39
C THR D 28 -2.18 -33.85 14.72
N PHE D 29 -3.36 -34.29 15.14
CA PHE D 29 -3.95 -33.73 16.35
C PHE D 29 -3.15 -34.08 17.60
N SER D 30 -2.43 -35.20 17.60
CA SER D 30 -1.84 -35.70 18.85
C SER D 30 -0.72 -34.80 19.36
N ASP D 31 -0.16 -34.00 18.47
CA ASP D 31 0.98 -33.14 18.72
C ASP D 31 0.58 -31.75 19.17
N ALA D 32 -0.66 -31.38 18.87
CA ALA D 32 -1.07 -30.00 18.84
C ALA D 32 -1.63 -29.60 20.19
N TRP D 33 -1.19 -28.44 20.67
CA TRP D 33 -1.70 -27.88 21.90
C TRP D 33 -2.94 -27.05 21.58
N MET D 34 -4.08 -27.43 22.17
CA MET D 34 -5.35 -26.79 21.86
C MET D 34 -5.74 -25.83 22.98
N ASN D 35 -6.26 -24.67 22.60
CA ASN D 35 -6.71 -23.65 23.53
C ASN D 35 -8.17 -23.31 23.27
N TRP D 36 -8.86 -22.90 24.33
CA TRP D 36 -10.22 -22.36 24.22
C TRP D 36 -10.18 -20.87 24.58
N VAL D 37 -10.85 -20.07 23.75
CA VAL D 37 -10.96 -18.63 23.97
C VAL D 37 -12.41 -18.24 23.75
N ARG D 38 -12.89 -17.30 24.56
CA ARG D 38 -14.28 -16.84 24.47
C ARG D 38 -14.33 -15.34 24.28
N GLN D 39 -15.47 -14.87 23.76
CA GLN D 39 -15.65 -13.47 23.44
C GLN D 39 -17.10 -13.06 23.66
N SER D 40 -17.29 -11.92 24.33
CA SER D 40 -18.55 -11.22 24.46
C SER D 40 -18.27 -9.77 24.21
N PRO D 41 -19.29 -8.95 23.91
CA PRO D 41 -19.04 -7.55 23.55
C PRO D 41 -18.44 -6.73 24.68
N GLU D 42 -18.65 -7.14 25.94
CA GLU D 42 -18.17 -6.35 27.05
C GLU D 42 -16.67 -6.53 27.28
N LYS D 43 -16.18 -7.76 27.11
CA LYS D 43 -14.84 -8.11 27.57
C LYS D 43 -13.85 -8.43 26.46
N GLY D 44 -14.30 -8.53 25.22
CA GLY D 44 -13.36 -8.93 24.18
C GLY D 44 -12.89 -10.36 24.40
N LEU D 45 -11.66 -10.63 23.97
CA LEU D 45 -11.12 -11.98 24.00
C LEU D 45 -10.57 -12.31 25.37
N GLU D 46 -11.02 -13.43 25.93
CA GLU D 46 -10.52 -13.95 27.20
C GLU D 46 -10.10 -15.39 26.99
N TRP D 47 -8.86 -15.72 27.38
CA TRP D 47 -8.35 -17.08 27.28
C TRP D 47 -8.95 -17.92 28.39
N VAL D 48 -9.43 -19.11 28.04
CA VAL D 48 -10.21 -19.92 28.97
C VAL D 48 -9.40 -21.10 29.48
N ALA D 49 -8.87 -21.91 28.56
CA ALA D 49 -8.15 -23.10 28.98
C ALA D 49 -7.22 -23.57 27.86
N GLU D 50 -6.23 -24.35 28.26
CA GLU D 50 -5.29 -24.98 27.34
C GLU D 50 -5.05 -26.41 27.77
N ILE D 51 -5.02 -27.33 26.81
CA ILE D 51 -4.63 -28.72 27.04
C ILE D 51 -3.53 -29.07 26.05
N ARG D 52 -2.40 -29.54 26.57
CA ARG D 52 -1.25 -29.91 25.75
C ARG D 52 -1.22 -31.42 25.55
N SER D 53 -0.46 -31.86 24.55
CA SER D 53 -0.28 -33.28 24.30
C SER D 53 0.17 -34.00 25.57
N LYS D 54 -0.19 -35.26 25.68
CA LYS D 54 -0.01 -35.99 26.93
C LYS D 54 1.45 -36.25 27.27
N VAL D 55 2.39 -35.92 26.39
CA VAL D 55 3.79 -36.14 26.73
C VAL D 55 4.30 -34.98 27.58
N ILE D 56 3.41 -34.13 28.06
CA ILE D 56 3.82 -32.90 28.73
C ILE D 56 3.41 -32.99 30.18
N ASN D 57 4.23 -32.42 31.06
CA ASN D 57 4.10 -32.74 32.46
C ASN D 57 2.85 -32.10 33.10
N PRO D 58 2.66 -30.78 33.02
CA PRO D 58 1.42 -30.19 33.59
C PRO D 58 0.19 -30.51 32.75
N ALA D 59 0.21 -30.04 31.51
CA ALA D 59 -0.65 -30.52 30.44
C ALA D 59 -2.03 -29.89 30.38
N ILE D 60 -2.49 -29.29 31.47
CA ILE D 60 -3.74 -28.53 31.49
C ILE D 60 -3.45 -27.22 32.20
N TYR D 61 -4.09 -26.16 31.78
CA TYR D 61 -4.08 -24.90 32.50
C TYR D 61 -5.44 -24.24 32.32
N TYR D 62 -5.84 -23.46 33.32
CA TYR D 62 -7.12 -22.78 33.29
C TYR D 62 -6.94 -21.31 33.67
N ALA D 63 -7.76 -20.45 33.07
CA ALA D 63 -7.95 -19.10 33.59
C ALA D 63 -8.61 -19.20 34.97
N GLU D 64 -8.14 -18.43 35.97
CA GLU D 64 -8.68 -18.74 37.29
C GLU D 64 -10.15 -18.38 37.44
N SER D 65 -10.76 -17.70 36.45
CA SER D 65 -12.20 -17.43 36.51
C SER D 65 -13.05 -18.67 36.27
N VAL D 66 -12.42 -19.79 35.94
CA VAL D 66 -13.17 -20.98 35.59
C VAL D 66 -12.45 -22.24 36.05
N LYS D 67 -11.37 -22.09 36.82
CA LYS D 67 -10.58 -23.29 37.14
C LYS D 67 -11.43 -24.37 37.78
N GLU D 68 -12.44 -24.00 38.56
CA GLU D 68 -13.23 -24.99 39.30
C GLU D 68 -14.40 -25.54 38.50
N ARG D 69 -15.11 -24.69 37.77
CA ARG D 69 -16.34 -25.14 37.12
C ARG D 69 -16.11 -25.74 35.74
N PHE D 70 -15.07 -25.32 35.02
CA PHE D 70 -14.80 -25.79 33.67
C PHE D 70 -13.77 -26.90 33.71
N THR D 71 -13.85 -27.81 32.74
CA THR D 71 -12.92 -28.93 32.63
C THR D 71 -12.68 -29.23 31.15
N ILE D 72 -11.40 -29.32 30.77
CA ILE D 72 -10.98 -29.50 29.39
C ILE D 72 -10.36 -30.88 29.23
N LEU D 73 -10.50 -31.47 28.05
CA LEU D 73 -10.28 -32.90 27.89
C LEU D 73 -10.31 -33.25 26.41
N ARG D 74 -9.36 -34.09 26.01
CA ARG D 74 -9.01 -34.30 24.61
C ARG D 74 -8.92 -35.80 24.34
N ASP D 75 -9.38 -36.20 23.16
CA ASP D 75 -9.32 -37.58 22.70
C ASP D 75 -8.55 -37.62 21.40
N ASP D 76 -7.33 -38.18 21.45
CA ASP D 76 -6.50 -38.24 20.25
C ASP D 76 -7.13 -39.15 19.19
N SER D 77 -7.79 -40.23 19.61
CA SER D 77 -8.38 -41.14 18.65
C SER D 77 -9.51 -40.48 17.88
N LYS D 78 -10.34 -39.68 18.57
CA LYS D 78 -11.39 -38.93 17.91
C LYS D 78 -10.91 -37.60 17.33
N SER D 79 -9.64 -37.25 17.56
CA SER D 79 -9.05 -36.04 16.97
C SER D 79 -9.87 -34.80 17.34
N SER D 80 -10.28 -34.72 18.60
CA SER D 80 -11.13 -33.63 19.06
C SER D 80 -10.76 -33.24 20.48
N VAL D 81 -11.03 -31.99 20.82
CA VAL D 81 -10.87 -31.46 22.16
C VAL D 81 -12.22 -30.97 22.65
N TYR D 82 -12.55 -31.27 23.90
CA TYR D 82 -13.85 -30.97 24.46
C TYR D 82 -13.70 -30.04 25.66
N LEU D 83 -14.64 -29.12 25.82
CA LEU D 83 -14.75 -28.28 27.00
C LEU D 83 -16.10 -28.54 27.65
N GLN D 84 -16.08 -29.11 28.85
CA GLN D 84 -17.29 -29.36 29.62
C GLN D 84 -17.47 -28.22 30.62
N MET D 85 -18.56 -27.48 30.48
CA MET D 85 -18.84 -26.33 31.33
C MET D 85 -19.99 -26.67 32.27
N ASN D 86 -19.78 -26.43 33.57
CA ASN D 86 -20.78 -26.67 34.58
C ASN D 86 -20.95 -25.41 35.43
N SER D 87 -22.05 -25.39 36.18
CA SER D 87 -22.38 -24.23 37.02
C SER D 87 -22.31 -22.94 36.20
N LEU D 88 -22.88 -22.99 34.99
CA LEU D 88 -22.82 -21.85 34.10
C LEU D 88 -23.56 -20.66 34.69
N ARG D 89 -23.12 -19.46 34.32
CA ARG D 89 -23.69 -18.22 34.81
C ARG D 89 -23.90 -17.30 33.61
N ALA D 90 -24.42 -16.09 33.87
CA ALA D 90 -24.70 -15.16 32.77
C ALA D 90 -23.42 -14.73 32.06
N GLU D 91 -22.36 -14.50 32.83
CA GLU D 91 -21.14 -13.93 32.29
C GLU D 91 -20.21 -14.99 31.67
N ASP D 92 -20.66 -16.23 31.56
CA ASP D 92 -20.04 -17.19 30.65
C ASP D 92 -20.59 -17.07 29.23
N THR D 93 -21.57 -16.18 29.02
CA THR D 93 -22.18 -16.01 27.72
C THR D 93 -21.18 -15.41 26.73
N GLY D 94 -21.29 -15.84 25.47
CA GLY D 94 -20.46 -15.28 24.42
C GLY D 94 -20.12 -16.33 23.38
N ILE D 95 -19.21 -15.95 22.50
CA ILE D 95 -18.73 -16.81 21.43
C ILE D 95 -17.46 -17.51 21.91
N TYR D 96 -17.39 -18.81 21.71
CA TYR D 96 -16.26 -19.61 22.18
C TYR D 96 -15.45 -20.08 21.00
N TYR D 97 -14.15 -19.77 21.01
CA TYR D 97 -13.25 -20.10 19.91
C TYR D 97 -12.33 -21.24 20.31
N CYS D 98 -12.25 -22.25 19.44
CA CYS D 98 -11.25 -23.31 19.55
C CYS D 98 -10.05 -22.92 18.70
N SER D 99 -8.85 -23.03 19.27
CA SER D 99 -7.65 -22.61 18.56
C SER D 99 -6.49 -23.54 18.87
N ARG D 100 -5.51 -23.52 17.98
CA ARG D 100 -4.28 -24.28 18.10
C ARG D 100 -3.11 -23.33 18.31
N SER D 101 -2.15 -23.77 19.09
CA SER D 101 -0.93 -23.02 19.34
C SER D 101 0.20 -23.54 18.47
N THR D 102 1.19 -22.68 18.23
CA THR D 102 2.34 -23.06 17.43
C THR D 102 3.40 -23.78 18.25
N MET D 103 3.17 -23.98 19.55
CA MET D 103 4.18 -24.52 20.44
C MET D 103 4.08 -26.03 20.45
N ILE D 104 5.12 -26.69 19.93
CA ILE D 104 5.27 -28.12 20.14
C ILE D 104 6.08 -28.41 21.41
N THR D 105 7.06 -27.57 21.73
CA THR D 105 7.87 -27.71 22.92
C THR D 105 7.45 -26.68 23.96
N THR D 106 7.71 -26.98 25.23
CA THR D 106 7.29 -26.09 26.31
C THR D 106 8.03 -24.76 26.30
N ARG D 107 9.10 -24.64 25.52
CA ARG D 107 9.86 -23.40 25.36
C ARG D 107 10.09 -23.12 23.88
N ASP D 108 9.00 -23.14 23.12
CA ASP D 108 9.08 -22.96 21.68
C ASP D 108 9.40 -21.50 21.36
N PRO D 109 10.17 -21.23 20.30
CA PRO D 109 10.44 -19.82 19.98
C PRO D 109 9.24 -19.10 19.40
N SER D 110 8.39 -19.79 18.63
CA SER D 110 7.39 -19.11 17.81
C SER D 110 6.25 -18.49 18.63
N ARG D 111 5.28 -19.29 19.07
CA ARG D 111 4.33 -18.76 20.05
C ARG D 111 3.35 -17.70 19.55
N TYR D 112 2.22 -18.23 19.09
CA TYR D 112 0.99 -17.50 18.82
C TYR D 112 -0.08 -18.54 18.51
N PHE D 113 -1.30 -18.07 18.27
CA PHE D 113 -2.42 -18.92 17.86
C PHE D 113 -2.50 -18.84 16.33
N ASP D 114 -2.24 -19.96 15.67
CA ASP D 114 -2.08 -19.94 14.22
C ASP D 114 -3.38 -20.25 13.47
N VAL D 115 -4.31 -20.97 14.08
CA VAL D 115 -5.59 -21.26 13.44
C VAL D 115 -6.70 -21.16 14.48
N TRP D 116 -7.87 -20.72 14.02
CA TRP D 116 -9.04 -20.54 14.87
C TRP D 116 -10.24 -21.20 14.21
N GLY D 117 -11.18 -21.65 15.04
CA GLY D 117 -12.46 -22.06 14.54
C GLY D 117 -13.36 -20.88 14.23
N ALA D 118 -14.44 -21.15 13.51
CA ALA D 118 -15.41 -20.09 13.20
C ALA D 118 -16.03 -19.55 14.48
N GLY D 119 -16.28 -20.43 15.45
CA GLY D 119 -16.89 -20.03 16.71
C GLY D 119 -18.17 -20.77 17.00
N THR D 120 -18.50 -20.91 18.28
CA THR D 120 -19.76 -21.50 18.72
C THR D 120 -20.35 -20.59 19.78
N THR D 121 -21.65 -20.30 19.68
CA THR D 121 -22.29 -19.30 20.53
C THR D 121 -22.95 -19.98 21.71
N VAL D 122 -22.56 -19.58 22.91
CA VAL D 122 -23.16 -20.06 24.16
C VAL D 122 -23.87 -18.87 24.80
N THR D 123 -25.17 -19.03 25.07
CA THR D 123 -25.95 -18.01 25.75
C THR D 123 -26.56 -18.61 27.00
N VAL D 124 -26.30 -17.99 28.15
CA VAL D 124 -26.77 -18.48 29.43
C VAL D 124 -27.85 -17.51 29.93
N SER D 125 -29.10 -17.95 29.93
CA SER D 125 -30.18 -17.12 30.42
C SER D 125 -31.37 -17.99 30.78
N SER D 126 -32.11 -17.55 31.80
CA SER D 126 -33.31 -18.24 32.26
C SER D 126 -34.55 -17.88 31.44
N ALA D 127 -34.41 -17.06 30.40
CA ALA D 127 -35.54 -16.65 29.60
C ALA D 127 -35.93 -17.75 28.61
N SER D 128 -37.22 -17.92 28.40
CA SER D 128 -37.72 -18.92 27.47
C SER D 128 -37.47 -18.47 26.03
N THR D 129 -37.42 -19.44 25.14
CA THR D 129 -37.30 -19.14 23.71
C THR D 129 -38.60 -18.50 23.21
N LYS D 130 -38.48 -17.70 22.16
CA LYS D 130 -39.65 -17.00 21.62
C LYS D 130 -39.38 -16.58 20.18
N GLY D 131 -40.29 -16.98 19.29
CA GLY D 131 -40.24 -16.57 17.90
C GLY D 131 -40.68 -15.13 17.74
N PRO D 132 -40.26 -14.49 16.66
CA PRO D 132 -40.51 -13.05 16.52
C PRO D 132 -41.79 -12.70 15.79
N SER D 133 -42.30 -11.52 16.12
CA SER D 133 -43.36 -10.87 15.35
C SER D 133 -42.72 -9.96 14.31
N VAL D 134 -43.27 -9.97 13.10
CA VAL D 134 -42.71 -9.22 11.97
C VAL D 134 -43.75 -8.24 11.47
N PHE D 135 -43.34 -6.99 11.30
CA PHE D 135 -44.20 -5.89 10.89
C PHE D 135 -43.54 -5.11 9.76
N PRO D 136 -44.34 -4.41 8.96
CA PRO D 136 -43.81 -3.74 7.77
C PRO D 136 -43.43 -2.29 8.03
N LEU D 137 -42.36 -1.77 7.44
CA LEU D 137 -42.05 -0.36 7.63
C LEU D 137 -42.32 0.29 6.29
N ALA D 138 -43.57 0.71 6.09
CA ALA D 138 -44.02 1.07 4.76
C ALA D 138 -43.39 2.38 4.30
N PRO D 139 -43.22 2.56 2.98
CA PRO D 139 -42.69 3.82 2.47
C PRO D 139 -43.80 4.84 2.21
N SER D 140 -43.47 5.99 1.65
CA SER D 140 -44.45 7.01 1.33
C SER D 140 -44.17 7.62 -0.05
N GLY D 147 -36.62 9.95 -6.45
CA GLY D 147 -35.29 9.72 -5.92
C GLY D 147 -35.09 8.30 -5.41
N THR D 148 -34.75 8.18 -4.13
CA THR D 148 -34.54 6.89 -3.48
C THR D 148 -35.27 6.88 -2.15
N ALA D 149 -36.37 6.12 -2.09
CA ALA D 149 -37.13 5.98 -0.86
C ALA D 149 -36.59 4.82 -0.04
N ALA D 150 -37.26 4.53 1.09
CA ALA D 150 -36.82 3.48 2.00
C ALA D 150 -38.03 2.73 2.53
N LEU D 151 -37.86 1.42 2.73
CA LEU D 151 -38.91 0.54 3.20
C LEU D 151 -38.22 -0.52 4.05
N GLY D 152 -38.82 -0.86 5.20
CA GLY D 152 -38.12 -1.65 6.19
C GLY D 152 -38.96 -2.79 6.74
N CYS D 153 -38.36 -3.49 7.71
CA CYS D 153 -38.91 -4.69 8.33
C CYS D 153 -38.59 -4.60 9.81
N LEU D 154 -39.62 -4.67 10.66
CA LEU D 154 -39.45 -4.65 12.10
C LEU D 154 -39.71 -6.05 12.64
N VAL D 155 -38.67 -6.66 13.19
CA VAL D 155 -38.73 -7.99 13.80
C VAL D 155 -38.46 -7.82 15.28
N LYS D 156 -39.47 -8.16 16.09
CA LYS D 156 -39.54 -7.70 17.48
C LYS D 156 -40.02 -8.81 18.39
N ASP D 157 -39.54 -8.73 19.63
CA ASP D 157 -39.90 -9.66 20.70
C ASP D 157 -39.52 -11.10 20.34
N TYR D 158 -38.21 -11.36 20.38
CA TYR D 158 -37.70 -12.70 20.17
C TYR D 158 -36.53 -12.96 21.12
N PHE D 159 -36.22 -14.23 21.31
CA PHE D 159 -35.15 -14.69 22.17
C PHE D 159 -34.94 -16.18 21.93
N PRO D 160 -33.69 -16.68 21.86
CA PRO D 160 -32.45 -15.90 21.93
C PRO D 160 -32.00 -15.36 20.57
N GLU D 161 -30.75 -14.90 20.49
CA GLU D 161 -30.12 -14.57 19.23
C GLU D 161 -29.43 -15.80 18.65
N PRO D 162 -29.22 -15.84 17.33
CA PRO D 162 -29.54 -14.73 16.42
C PRO D 162 -30.81 -14.95 15.59
N VAL D 163 -31.28 -13.86 14.99
CA VAL D 163 -32.25 -13.91 13.91
C VAL D 163 -31.50 -13.56 12.62
N THR D 164 -32.01 -14.06 11.50
CA THR D 164 -31.40 -13.81 10.20
C THR D 164 -32.47 -13.24 9.28
N VAL D 165 -32.14 -12.14 8.59
CA VAL D 165 -33.10 -11.42 7.75
C VAL D 165 -32.55 -11.35 6.33
N SER D 166 -33.37 -11.77 5.37
CA SER D 166 -33.07 -11.66 3.95
C SER D 166 -34.26 -11.03 3.25
N TRP D 167 -34.00 -10.40 2.11
CA TRP D 167 -35.01 -9.69 1.34
C TRP D 167 -35.18 -10.35 -0.02
N ASN D 168 -36.44 -10.52 -0.44
CA ASN D 168 -36.74 -11.11 -1.75
C ASN D 168 -36.01 -12.43 -1.94
N SER D 169 -35.91 -13.20 -0.85
CA SER D 169 -35.25 -14.50 -0.89
C SER D 169 -33.80 -14.39 -1.32
N GLY D 170 -33.16 -13.28 -0.93
CA GLY D 170 -31.75 -13.10 -1.18
C GLY D 170 -31.38 -12.54 -2.53
N ALA D 171 -32.31 -11.87 -3.21
CA ALA D 171 -32.08 -11.41 -4.56
C ALA D 171 -31.37 -10.06 -4.62
N LEU D 172 -31.07 -9.46 -3.46
CA LEU D 172 -30.38 -8.17 -3.41
C LEU D 172 -29.41 -8.13 -2.23
N THR D 173 -28.40 -7.28 -2.38
CA THR D 173 -27.36 -7.13 -1.37
C THR D 173 -27.03 -5.65 -1.17
N SER D 174 -27.20 -4.86 -2.23
CA SER D 174 -26.87 -3.44 -2.16
C SER D 174 -28.04 -2.67 -1.55
N GLY D 175 -27.70 -1.67 -0.74
CA GLY D 175 -28.69 -0.86 -0.07
C GLY D 175 -29.31 -1.49 1.16
N VAL D 176 -28.90 -2.70 1.52
CA VAL D 176 -29.44 -3.39 2.68
C VAL D 176 -28.68 -2.96 3.92
N HIS D 177 -29.41 -2.66 4.99
CA HIS D 177 -28.82 -2.33 6.29
C HIS D 177 -29.64 -3.04 7.34
N THR D 178 -29.10 -4.12 7.89
CA THR D 178 -29.70 -4.82 9.02
C THR D 178 -29.01 -4.37 10.30
N PHE D 179 -29.77 -3.92 11.25
CA PHE D 179 -29.15 -3.33 12.44
C PHE D 179 -28.91 -4.40 13.50
N PRO D 180 -27.84 -4.26 14.29
CA PRO D 180 -27.63 -5.19 15.41
C PRO D 180 -28.83 -5.19 16.35
N ALA D 181 -29.15 -6.38 16.87
CA ALA D 181 -30.27 -6.51 17.78
C ALA D 181 -29.99 -5.77 19.09
N VAL D 182 -31.02 -5.13 19.63
CA VAL D 182 -30.93 -4.41 20.90
C VAL D 182 -31.82 -5.12 21.91
N LEU D 183 -31.41 -5.09 23.18
CA LEU D 183 -32.15 -5.78 24.22
C LEU D 183 -33.27 -4.87 24.71
N GLN D 184 -34.51 -5.30 24.56
CA GLN D 184 -35.62 -4.48 25.01
C GLN D 184 -35.78 -4.55 26.53
N SER D 185 -36.46 -3.56 27.10
CA SER D 185 -36.61 -3.53 28.54
C SER D 185 -37.26 -4.82 29.06
N SER D 186 -38.19 -5.37 28.30
CA SER D 186 -38.88 -6.59 28.72
C SER D 186 -37.98 -7.81 28.73
N GLY D 187 -36.74 -7.68 28.27
CA GLY D 187 -35.81 -8.78 28.20
C GLY D 187 -35.72 -9.46 26.85
N LEU D 188 -36.47 -8.97 25.86
CA LEU D 188 -36.49 -9.57 24.53
C LEU D 188 -35.72 -8.69 23.56
N TYR D 189 -35.36 -9.27 22.43
CA TYR D 189 -34.56 -8.58 21.42
C TYR D 189 -35.46 -7.96 20.35
N SER D 190 -34.92 -6.94 19.69
CA SER D 190 -35.62 -6.26 18.61
C SER D 190 -34.61 -5.85 17.55
N LEU D 191 -35.02 -5.95 16.28
CA LEU D 191 -34.16 -5.66 15.15
C LEU D 191 -34.98 -4.97 14.07
N SER D 192 -34.29 -4.16 13.26
CA SER D 192 -34.88 -3.52 12.10
C SER D 192 -33.99 -3.76 10.90
N SER D 193 -34.60 -4.10 9.77
CA SER D 193 -33.88 -4.26 8.50
C SER D 193 -34.55 -3.37 7.48
N VAL D 194 -33.76 -2.48 6.87
CA VAL D 194 -34.28 -1.53 5.90
C VAL D 194 -33.45 -1.62 4.63
N VAL D 195 -34.08 -1.27 3.51
CA VAL D 195 -33.43 -1.27 2.20
C VAL D 195 -33.81 0.01 1.46
N THR D 196 -32.84 0.62 0.80
CA THR D 196 -33.07 1.81 0.00
C THR D 196 -33.37 1.40 -1.44
N VAL D 197 -34.46 1.93 -1.99
CA VAL D 197 -34.92 1.52 -3.32
C VAL D 197 -35.19 2.74 -4.18
N PRO D 198 -34.92 2.69 -5.49
CA PRO D 198 -35.35 3.79 -6.38
C PRO D 198 -36.85 4.00 -6.29
N SER D 199 -37.25 5.22 -5.95
CA SER D 199 -38.65 5.51 -5.69
C SER D 199 -39.47 5.34 -6.96
N SER D 200 -40.80 5.30 -6.77
CA SER D 200 -41.76 5.13 -7.86
C SER D 200 -41.73 3.72 -8.44
N SER D 201 -40.75 2.92 -8.02
CA SER D 201 -40.68 1.51 -8.35
C SER D 201 -40.98 0.66 -7.11
N LEU D 202 -41.99 1.08 -6.34
CA LEU D 202 -42.29 0.45 -5.07
C LEU D 202 -43.68 -0.18 -5.00
N GLY D 203 -44.48 -0.05 -6.05
CA GLY D 203 -45.71 -0.79 -6.14
C GLY D 203 -45.58 -1.92 -7.15
N THR D 204 -44.55 -1.83 -7.99
CA THR D 204 -44.30 -2.86 -8.99
C THR D 204 -43.48 -4.00 -8.42
N GLN D 205 -42.25 -3.71 -7.98
CA GLN D 205 -41.39 -4.72 -7.39
C GLN D 205 -41.87 -5.02 -5.98
N THR D 206 -42.50 -6.19 -5.80
CA THR D 206 -42.88 -6.61 -4.46
C THR D 206 -41.64 -6.82 -3.61
N TYR D 207 -41.72 -6.35 -2.37
CA TYR D 207 -40.62 -6.47 -1.42
C TYR D 207 -41.06 -7.32 -0.25
N ILE D 208 -40.44 -8.48 -0.10
CA ILE D 208 -40.78 -9.45 0.93
C ILE D 208 -39.61 -9.61 1.88
N CYS D 209 -39.93 -9.75 3.16
CA CYS D 209 -38.96 -9.80 4.25
C CYS D 209 -38.88 -11.24 4.75
N ASN D 210 -37.79 -11.91 4.41
CA ASN D 210 -37.54 -13.27 4.86
C ASN D 210 -36.75 -13.23 6.15
N VAL D 211 -37.35 -13.72 7.23
CA VAL D 211 -36.66 -13.86 8.51
C VAL D 211 -36.76 -15.30 8.97
N ASN D 212 -35.63 -15.85 9.41
CA ASN D 212 -35.60 -17.17 10.04
C ASN D 212 -35.12 -17.01 11.48
N HIS D 213 -35.80 -17.66 12.40
CA HIS D 213 -35.38 -17.74 13.80
C HIS D 213 -35.25 -19.21 14.15
N LYS D 214 -34.03 -19.73 14.08
CA LYS D 214 -33.82 -21.16 14.21
C LYS D 214 -34.06 -21.63 15.64
N PRO D 215 -33.60 -20.91 16.67
CA PRO D 215 -33.84 -21.37 18.05
C PRO D 215 -35.29 -21.76 18.32
N SER D 216 -36.26 -21.08 17.71
CA SER D 216 -37.67 -21.43 17.86
C SER D 216 -38.24 -22.06 16.59
N ASN D 217 -37.40 -22.38 15.61
CA ASN D 217 -37.84 -23.00 14.36
C ASN D 217 -38.98 -22.21 13.73
N THR D 218 -38.77 -20.91 13.56
CA THR D 218 -39.79 -20.01 13.03
C THR D 218 -39.35 -19.48 11.67
N LYS D 219 -40.25 -19.54 10.70
CA LYS D 219 -40.05 -18.97 9.38
C LYS D 219 -41.28 -18.14 9.03
N VAL D 220 -41.06 -16.93 8.53
CA VAL D 220 -42.17 -16.05 8.20
C VAL D 220 -41.70 -15.05 7.15
N ASP D 221 -42.45 -14.95 6.06
CA ASP D 221 -42.24 -13.97 5.01
C ASP D 221 -43.43 -13.03 5.00
N LYS D 222 -43.20 -11.73 5.17
CA LYS D 222 -44.28 -10.74 5.20
C LYS D 222 -43.89 -9.54 4.35
N LYS D 223 -44.76 -9.21 3.39
CA LYS D 223 -44.49 -8.24 2.34
C LYS D 223 -44.84 -6.82 2.79
N VAL D 224 -44.21 -5.85 2.15
CA VAL D 224 -44.32 -4.45 2.57
C VAL D 224 -44.99 -3.69 1.44
N GLU D 225 -45.78 -2.67 1.81
CA GLU D 225 -46.65 -2.01 0.82
C GLU D 225 -47.27 -0.75 1.42
N PRO D 226 -47.58 0.25 0.59
CA PRO D 226 -47.67 1.63 1.10
C PRO D 226 -48.96 1.94 1.83
N LYS D 227 -48.82 2.72 2.90
CA LYS D 227 -49.94 3.07 3.76
C LYS D 227 -49.96 4.57 4.03
#